data_5UCO
#
_entry.id   5UCO
#
_cell.length_a   82.890
_cell.length_b   121.780
_cell.length_c   184.970
_cell.angle_alpha   90.000
_cell.angle_beta   90.000
_cell.angle_gamma   90.000
#
_symmetry.space_group_name_H-M   'C 2 2 21'
#
loop_
_entity.id
_entity.type
_entity.pdbx_description
1 polymer '2,4,6-trihydroxybenzophenone synthase'
2 water water
#
_entity_poly.entity_id   1
_entity_poly.type   'polypeptide(L)'
_entity_poly.pdbx_seq_one_letter_code
;GSMAPAMEYSTQNGQGEGKKRASVLAIGTTNPEHFILQEDYPDFYFRNTNSEHMTELKEKFKRICVKSHIRKRHFYLTEE
ILKENQGIATYGAGSLDARQRILETEVPKLGQEAALKAIAEWGQPISKITHVVFATTSGFMMPGADYVITRLLGLNRTVR
RVMLYNQGCFAGGTALRVAKDLAENNEGARVLVVCAENTAMTFHAPNESHLDVIVGQAMFSDGAAALIIGACPDVASGER
AVFNILSASQTIVPGSDGAITAHFYEMGMSYFLKEDVIPLFRDNIAAVMEEAFSPLGVSDWNSLFYSIHPGGRGIIDGVA
GNLGIKDENLVATRHVLGEYGNMGSACVMFILDELRKSSKVNGKPTTGDGKEFGCLIGLGPGLTVEAVVLQSVPILQ
;
_entity_poly.pdbx_strand_id   A,B
#
# COMPACT_ATOMS: atom_id res chain seq x y z
N LYS A 20 19.88 7.14 -18.06
CA LYS A 20 19.71 5.77 -17.57
C LYS A 20 19.35 5.75 -16.08
N ARG A 21 19.56 6.89 -15.42
CA ARG A 21 19.16 7.07 -14.02
C ARG A 21 17.84 7.83 -13.96
N ALA A 22 17.09 7.64 -12.88
CA ALA A 22 15.82 8.33 -12.70
C ALA A 22 16.06 9.81 -12.41
N SER A 23 15.12 10.64 -12.83
CA SER A 23 15.22 12.09 -12.65
C SER A 23 13.88 12.70 -12.34
N VAL A 24 13.87 13.72 -11.48
CA VAL A 24 12.67 14.49 -11.21
C VAL A 24 12.51 15.52 -12.32
N LEU A 25 11.45 15.37 -13.11
CA LEU A 25 11.22 16.21 -14.29
C LEU A 25 10.28 17.38 -14.02
N ALA A 26 9.56 17.33 -12.89
CA ALA A 26 8.62 18.40 -12.55
C ALA A 26 8.15 18.26 -11.11
N ILE A 27 7.67 19.36 -10.53
CA ILE A 27 7.17 19.38 -9.16
C ILE A 27 5.98 20.33 -9.03
N GLY A 28 4.92 19.85 -8.41
CA GLY A 28 3.74 20.66 -8.15
C GLY A 28 3.31 20.55 -6.71
N THR A 29 2.68 21.60 -6.19
CA THR A 29 2.18 21.62 -4.81
C THR A 29 0.87 22.37 -4.71
N THR A 30 0.15 22.18 -3.61
CA THR A 30 -1.10 22.88 -3.36
C THR A 30 -1.63 22.65 -1.95
N ASN A 31 -2.48 23.55 -1.49
CA ASN A 31 -3.16 23.42 -0.20
C ASN A 31 -4.57 23.95 -0.30
N PRO A 32 -5.48 23.48 0.59
CA PRO A 32 -6.82 24.05 0.60
C PRO A 32 -6.80 25.54 0.94
N GLU A 33 -7.76 26.29 0.41
CA GLU A 33 -7.77 27.74 0.53
C GLU A 33 -7.86 28.20 1.98
N HIS A 34 -8.64 27.49 2.78
CA HIS A 34 -8.82 27.85 4.18
C HIS A 34 -7.58 27.59 5.01
N PHE A 35 -7.11 28.62 5.72
CA PHE A 35 -5.97 28.50 6.62
C PHE A 35 -6.26 29.19 7.95
N ILE A 36 -5.54 28.76 8.99
CA ILE A 36 -5.68 29.33 10.32
C ILE A 36 -4.31 29.69 10.87
N LEU A 37 -4.20 30.86 11.48
CA LEU A 37 -2.95 31.30 12.09
C LEU A 37 -2.77 30.65 13.45
N GLN A 38 -1.53 30.25 13.76
CA GLN A 38 -1.21 29.57 15.00
C GLN A 38 -1.57 30.41 16.21
N GLU A 39 -1.52 31.73 16.04
CA GLU A 39 -1.82 32.66 17.13
C GLU A 39 -3.29 32.56 17.55
N ASP A 40 -4.14 32.07 16.66
CA ASP A 40 -5.58 32.00 16.90
C ASP A 40 -6.09 30.57 16.99
N TYR A 41 -5.19 29.60 17.04
CA TYR A 41 -5.59 28.19 17.00
C TYR A 41 -6.06 27.63 18.34
N PRO A 42 -5.39 28.00 19.45
CA PRO A 42 -5.85 27.50 20.75
C PRO A 42 -7.30 27.87 21.07
N ASP A 43 -7.71 29.08 20.69
CA ASP A 43 -9.08 29.51 20.89
C ASP A 43 -10.04 28.71 20.02
N PHE A 44 -9.66 28.50 18.77
CA PHE A 44 -10.48 27.76 17.81
C PHE A 44 -10.64 26.30 18.23
N TYR A 45 -9.56 25.70 18.73
CA TYR A 45 -9.52 24.27 19.01
C TYR A 45 -10.31 23.90 20.27
N PHE A 46 -10.31 24.78 21.26
CA PHE A 46 -11.03 24.52 22.51
C PHE A 46 -12.47 25.00 22.47
N ARG A 47 -12.76 25.96 21.60
CA ARG A 47 -14.12 26.49 21.48
C ARG A 47 -15.03 25.51 20.74
N ASN A 48 -14.54 24.97 19.63
CA ASN A 48 -15.35 24.10 18.78
C ASN A 48 -15.27 22.62 19.18
N THR A 49 -14.86 22.38 20.42
CA THR A 49 -14.90 21.04 21.00
C THR A 49 -15.61 21.08 22.35
N ASN A 50 -16.15 22.25 22.68
CA ASN A 50 -16.87 22.46 23.94
C ASN A 50 -16.03 22.08 25.16
N SER A 51 -14.71 22.17 25.01
CA SER A 51 -13.78 21.81 26.06
C SER A 51 -13.10 23.05 26.63
N GLU A 52 -13.78 24.17 26.57
CA GLU A 52 -13.23 25.45 27.01
C GLU A 52 -12.93 25.47 28.51
N HIS A 53 -13.51 24.53 29.25
CA HIS A 53 -13.40 24.52 30.71
C HIS A 53 -12.17 23.76 31.20
N MET A 54 -11.43 23.12 30.28
CA MET A 54 -10.23 22.37 30.63
C MET A 54 -9.04 23.32 30.75
N THR A 55 -9.09 24.21 31.74
CA THR A 55 -8.11 25.28 31.89
C THR A 55 -6.68 24.78 32.01
N GLU A 56 -6.51 23.59 32.58
CA GLU A 56 -5.16 23.04 32.77
C GLU A 56 -4.57 22.59 31.45
N LEU A 57 -5.38 21.94 30.63
CA LEU A 57 -4.93 21.46 29.32
C LEU A 57 -4.70 22.61 28.35
N LYS A 58 -5.45 23.69 28.53
CA LYS A 58 -5.32 24.85 27.65
C LYS A 58 -3.95 25.49 27.80
N GLU A 59 -3.30 25.27 28.94
CA GLU A 59 -1.97 25.81 29.19
C GLU A 59 -0.89 24.89 28.63
N LYS A 60 -1.03 23.59 28.83
CA LYS A 60 -0.09 22.62 28.29
C LYS A 60 -0.06 22.71 26.76
N PHE A 61 -1.22 22.93 26.17
CA PHE A 61 -1.34 23.02 24.72
C PHE A 61 -0.72 24.32 24.20
N LYS A 62 -0.98 25.41 24.90
CA LYS A 62 -0.48 26.72 24.50
C LYS A 62 1.04 26.79 24.48
N ARG A 63 1.68 26.17 25.47
CA ARG A 63 3.13 26.21 25.57
C ARG A 63 3.79 25.51 24.38
N ILE A 64 3.17 24.43 23.91
CA ILE A 64 3.69 23.70 22.76
C ILE A 64 3.50 24.52 21.48
N CYS A 65 2.41 25.27 21.40
CA CYS A 65 2.16 26.13 20.25
C CYS A 65 3.22 27.20 20.12
N VAL A 66 3.59 27.81 21.24
CA VAL A 66 4.62 28.84 21.25
C VAL A 66 5.96 28.25 20.83
N LYS A 67 6.24 27.06 21.32
CA LYS A 67 7.50 26.38 21.03
C LYS A 67 7.55 25.80 19.62
N SER A 68 6.41 25.77 18.94
CA SER A 68 6.33 25.11 17.63
C SER A 68 6.99 25.92 16.52
N HIS A 69 7.02 27.24 16.67
CA HIS A 69 7.53 28.14 15.64
C HIS A 69 6.86 27.90 14.28
N ILE A 70 5.60 27.47 14.32
CA ILE A 70 4.78 27.35 13.14
C ILE A 70 3.84 28.55 13.08
N ARG A 71 3.73 29.16 11.90
CA ARG A 71 2.95 30.39 11.76
C ARG A 71 1.50 30.11 11.33
N LYS A 72 1.32 29.28 10.31
CA LYS A 72 -0.01 28.97 9.81
C LYS A 72 -0.14 27.53 9.31
N ARG A 73 -1.38 27.06 9.29
CA ARG A 73 -1.71 25.72 8.77
C ARG A 73 -3.01 25.75 7.98
N HIS A 74 -3.03 25.00 6.89
CA HIS A 74 -4.22 24.89 6.05
C HIS A 74 -5.07 23.70 6.50
N PHE A 75 -6.39 23.82 6.35
CA PHE A 75 -7.30 22.77 6.80
C PHE A 75 -8.57 22.70 5.94
N TYR A 76 -9.01 21.47 5.67
CA TYR A 76 -10.32 21.26 5.06
C TYR A 76 -11.40 21.48 6.11
N LEU A 77 -11.14 21.00 7.32
CA LEU A 77 -12.09 21.12 8.42
C LEU A 77 -12.30 22.58 8.80
N THR A 78 -13.53 23.05 8.63
CA THR A 78 -13.90 24.40 9.04
C THR A 78 -14.76 24.35 10.29
N GLU A 79 -15.09 25.51 10.83
CA GLU A 79 -15.92 25.60 12.02
C GLU A 79 -17.33 25.05 11.77
N GLU A 80 -17.75 25.07 10.51
CA GLU A 80 -19.10 24.62 10.14
C GLU A 80 -19.16 23.12 9.92
N ILE A 81 -18.09 22.56 9.37
CA ILE A 81 -18.04 21.13 9.06
C ILE A 81 -17.96 20.31 10.35
N LEU A 82 -17.31 20.86 11.36
CA LEU A 82 -17.20 20.18 12.66
C LEU A 82 -18.52 20.23 13.41
N LYS A 83 -19.26 21.32 13.23
CA LYS A 83 -20.59 21.43 13.81
C LYS A 83 -21.50 20.35 13.24
N GLU A 84 -21.24 19.97 11.99
CA GLU A 84 -22.03 18.93 11.32
C GLU A 84 -21.48 17.54 11.58
N ASN A 85 -20.42 17.44 12.39
CA ASN A 85 -19.82 16.15 12.74
C ASN A 85 -19.34 16.14 14.19
N GLN A 86 -20.29 16.03 15.11
CA GLN A 86 -19.97 16.06 16.53
C GLN A 86 -19.18 14.83 16.97
N GLY A 87 -19.30 13.74 16.23
CA GLY A 87 -18.56 12.53 16.54
C GLY A 87 -17.05 12.78 16.51
N ILE A 88 -16.62 13.59 15.54
CA ILE A 88 -15.22 13.95 15.42
C ILE A 88 -14.84 14.94 16.52
N ALA A 89 -15.81 15.73 16.96
CA ALA A 89 -15.57 16.75 17.98
C ALA A 89 -15.58 16.15 19.40
N THR A 90 -15.97 14.88 19.51
CA THR A 90 -16.00 14.20 20.80
C THR A 90 -14.95 13.10 20.85
N TYR A 91 -14.08 13.18 21.86
CA TYR A 91 -13.01 12.20 22.01
C TYR A 91 -13.54 10.82 22.37
N GLY A 92 -13.09 9.80 21.65
CA GLY A 92 -13.47 8.43 21.92
C GLY A 92 -14.71 7.99 21.17
N ALA A 93 -15.53 8.96 20.78
CA ALA A 93 -16.78 8.67 20.08
C ALA A 93 -16.51 8.06 18.71
N GLY A 94 -17.37 7.15 18.29
CA GLY A 94 -17.28 6.56 16.98
C GLY A 94 -17.52 7.60 15.91
N SER A 95 -16.59 7.71 14.97
CA SER A 95 -16.66 8.75 13.95
C SER A 95 -16.03 8.33 12.62
N LEU A 96 -15.54 7.09 12.54
CA LEU A 96 -14.88 6.63 11.33
C LEU A 96 -15.81 6.63 10.13
N ASP A 97 -17.11 6.50 10.38
CA ASP A 97 -18.10 6.59 9.31
C ASP A 97 -18.07 7.97 8.67
N ALA A 98 -18.11 9.00 9.51
CA ALA A 98 -18.17 10.38 9.04
C ALA A 98 -16.83 10.84 8.49
N ARG A 99 -15.74 10.36 9.07
CA ARG A 99 -14.40 10.72 8.62
C ARG A 99 -14.15 10.23 7.20
N GLN A 100 -14.65 9.03 6.89
CA GLN A 100 -14.42 8.42 5.59
C GLN A 100 -15.23 9.11 4.48
N ARG A 101 -16.42 9.61 4.81
CA ARG A 101 -17.24 10.32 3.84
C ARG A 101 -16.51 11.52 3.27
N ILE A 102 -15.68 12.14 4.10
CA ILE A 102 -14.90 13.31 3.71
C ILE A 102 -13.65 12.89 2.93
N LEU A 103 -12.89 11.96 3.50
CA LEU A 103 -11.59 11.58 2.96
C LEU A 103 -11.68 10.85 1.62
N GLU A 104 -12.73 10.07 1.44
CA GLU A 104 -12.92 9.30 0.20
C GLU A 104 -12.91 10.18 -1.05
N THR A 105 -13.27 11.45 -0.87
CA THR A 105 -13.39 12.40 -1.98
C THR A 105 -12.28 13.45 -2.00
N GLU A 106 -12.03 14.07 -0.84
CA GLU A 106 -11.17 15.24 -0.78
C GLU A 106 -9.69 14.93 -1.01
N VAL A 107 -9.26 13.72 -0.69
CA VAL A 107 -7.86 13.37 -0.79
C VAL A 107 -7.41 13.17 -2.25
N PRO A 108 -8.14 12.35 -3.02
CA PRO A 108 -7.76 12.26 -4.44
C PRO A 108 -8.04 13.54 -5.21
N LYS A 109 -8.94 14.37 -4.66
CA LYS A 109 -9.28 15.64 -5.30
C LYS A 109 -8.16 16.66 -5.11
N LEU A 110 -7.68 16.80 -3.88
CA LEU A 110 -6.58 17.71 -3.59
C LEU A 110 -5.34 17.29 -4.38
N GLY A 111 -5.18 15.98 -4.56
CA GLY A 111 -4.08 15.45 -5.36
C GLY A 111 -4.16 15.89 -6.80
N GLN A 112 -5.36 15.85 -7.37
CA GLN A 112 -5.58 16.25 -8.76
C GLN A 112 -5.07 17.68 -8.99
N GLU A 113 -5.36 18.57 -8.04
CA GLU A 113 -4.91 19.95 -8.11
C GLU A 113 -3.39 20.03 -8.25
N ALA A 114 -2.70 19.17 -7.51
CA ALA A 114 -1.24 19.14 -7.53
C ALA A 114 -0.70 18.52 -8.81
N ALA A 115 -1.36 17.46 -9.27
CA ALA A 115 -0.92 16.74 -10.46
C ALA A 115 -1.00 17.62 -11.70
N LEU A 116 -2.01 18.47 -11.77
CA LEU A 116 -2.20 19.34 -12.93
C LEU A 116 -1.12 20.41 -13.02
N LYS A 117 -0.59 20.82 -11.87
CA LYS A 117 0.46 21.83 -11.83
C LYS A 117 1.78 21.27 -12.32
N ALA A 118 2.05 20.01 -11.99
CA ALA A 118 3.30 19.36 -12.37
C ALA A 118 3.25 18.87 -13.82
N ILE A 119 2.06 18.51 -14.27
CA ILE A 119 1.86 18.06 -15.65
C ILE A 119 2.00 19.24 -16.60
N ALA A 120 1.74 20.44 -16.09
CA ALA A 120 1.90 21.67 -16.87
C ALA A 120 3.38 21.97 -17.10
N GLU A 121 4.18 21.94 -16.04
CA GLU A 121 5.61 22.20 -16.14
C GLU A 121 6.28 21.17 -17.04
N TRP A 122 5.89 19.91 -16.85
CA TRP A 122 6.35 18.82 -17.71
C TRP A 122 6.13 19.17 -19.18
N GLY A 123 4.95 19.67 -19.49
CA GLY A 123 4.62 20.16 -20.81
C GLY A 123 4.59 19.07 -21.87
N GLN A 124 3.99 17.93 -21.52
CA GLN A 124 3.87 16.81 -22.44
C GLN A 124 2.44 16.29 -22.44
N PRO A 125 2.06 15.51 -23.46
CA PRO A 125 0.71 14.95 -23.53
C PRO A 125 0.40 13.97 -22.40
N ILE A 126 -0.83 14.01 -21.89
CA ILE A 126 -1.27 13.13 -20.82
C ILE A 126 -1.03 11.66 -21.16
N SER A 127 -1.14 11.31 -22.44
CA SER A 127 -1.02 9.94 -22.89
C SER A 127 0.36 9.35 -22.63
N LYS A 128 1.36 10.20 -22.39
CA LYS A 128 2.73 9.75 -22.19
C LYS A 128 2.96 9.19 -20.78
N ILE A 129 1.99 9.35 -19.90
CA ILE A 129 2.09 8.80 -18.55
C ILE A 129 1.71 7.32 -18.55
N THR A 130 2.52 6.50 -17.89
CA THR A 130 2.40 5.05 -17.95
C THR A 130 2.29 4.39 -16.58
N HIS A 131 2.57 5.15 -15.53
CA HIS A 131 2.53 4.63 -14.16
C HIS A 131 1.98 5.66 -13.18
N VAL A 132 1.49 5.19 -12.04
CA VAL A 132 1.00 6.07 -10.98
C VAL A 132 1.37 5.49 -9.61
N VAL A 133 1.77 6.36 -8.69
CA VAL A 133 2.08 5.97 -7.32
C VAL A 133 1.47 6.97 -6.35
N PHE A 134 0.40 6.56 -5.68
CA PHE A 134 -0.30 7.42 -4.72
C PHE A 134 0.02 6.99 -3.30
N ALA A 135 0.36 7.96 -2.46
CA ALA A 135 0.72 7.70 -1.07
C ALA A 135 -0.07 8.59 -0.11
N THR A 136 -0.77 7.96 0.82
CA THR A 136 -1.55 8.67 1.82
C THR A 136 -1.93 7.76 2.98
N THR A 137 -2.13 8.36 4.14
CA THR A 137 -2.65 7.65 5.31
C THR A 137 -4.07 8.14 5.58
N SER A 138 -4.39 9.31 5.04
CA SER A 138 -5.70 9.91 5.24
C SER A 138 -6.78 9.20 4.42
N GLY A 139 -7.48 8.28 5.06
CA GLY A 139 -8.60 7.58 4.44
C GLY A 139 -8.20 6.46 3.51
N PHE A 140 -9.12 5.52 3.30
CA PHE A 140 -8.88 4.37 2.42
C PHE A 140 -10.16 3.62 2.06
N MET A 141 -10.23 3.17 0.81
CA MET A 141 -11.34 2.35 0.34
C MET A 141 -10.96 1.58 -0.92
N MET A 142 -11.93 0.87 -1.49
CA MET A 142 -11.74 0.12 -2.73
C MET A 142 -12.83 0.47 -3.73
N PRO A 143 -12.46 0.93 -4.94
CA PRO A 143 -11.09 1.20 -5.43
C PRO A 143 -10.42 2.33 -4.66
N GLY A 144 -9.09 2.40 -4.74
CA GLY A 144 -8.34 3.39 -4.01
C GLY A 144 -8.21 4.72 -4.74
N ALA A 145 -7.54 5.67 -4.10
CA ALA A 145 -7.35 6.99 -4.68
C ALA A 145 -6.58 6.93 -5.99
N ASP A 146 -5.85 5.85 -6.22
CA ASP A 146 -5.06 5.70 -7.43
C ASP A 146 -5.95 5.44 -8.64
N TYR A 147 -7.11 4.84 -8.41
CA TYR A 147 -8.10 4.66 -9.46
C TYR A 147 -8.84 5.95 -9.74
N VAL A 148 -9.17 6.68 -8.66
CA VAL A 148 -9.97 7.88 -8.76
C VAL A 148 -9.22 8.95 -9.54
N ILE A 149 -7.96 9.17 -9.18
CA ILE A 149 -7.17 10.21 -9.82
C ILE A 149 -6.87 9.84 -11.28
N THR A 150 -6.89 8.55 -11.58
CA THR A 150 -6.71 8.08 -12.95
C THR A 150 -7.88 8.54 -13.82
N ARG A 151 -9.08 8.50 -13.26
CA ARG A 151 -10.27 8.94 -13.97
C ARG A 151 -10.43 10.46 -13.93
N LEU A 152 -9.98 11.08 -12.83
CA LEU A 152 -10.07 12.54 -12.69
C LEU A 152 -9.16 13.25 -13.70
N LEU A 153 -7.98 12.70 -13.92
CA LEU A 153 -7.00 13.31 -14.83
C LEU A 153 -7.18 12.84 -16.27
N GLY A 154 -7.97 11.78 -16.47
CA GLY A 154 -8.22 11.25 -17.79
C GLY A 154 -7.04 10.50 -18.36
N LEU A 155 -6.31 9.79 -17.51
CA LEU A 155 -5.18 8.99 -17.97
C LEU A 155 -5.66 7.75 -18.73
N ASN A 156 -4.72 7.05 -19.36
CA ASN A 156 -5.03 5.83 -20.10
C ASN A 156 -5.50 4.72 -19.16
N ARG A 157 -6.35 3.84 -19.67
CA ARG A 157 -6.89 2.75 -18.87
C ARG A 157 -5.84 1.69 -18.56
N THR A 158 -4.67 1.77 -19.21
CA THR A 158 -3.63 0.77 -19.07
C THR A 158 -2.49 1.22 -18.16
N VAL A 159 -2.68 2.30 -17.43
CA VAL A 159 -1.66 2.77 -16.48
C VAL A 159 -1.45 1.74 -15.37
N ARG A 160 -0.18 1.48 -15.07
CA ARG A 160 0.18 0.54 -14.03
C ARG A 160 0.30 1.25 -12.68
N ARG A 161 -0.64 0.94 -11.78
CA ARG A 161 -0.76 1.67 -10.52
C ARG A 161 -0.14 0.93 -9.34
N VAL A 162 0.24 1.69 -8.33
CA VAL A 162 0.76 1.14 -7.07
C VAL A 162 0.26 2.00 -5.91
N MET A 163 -0.58 1.41 -5.06
CA MET A 163 -1.18 2.14 -3.95
C MET A 163 -0.40 1.91 -2.65
N LEU A 164 -0.01 3.01 -2.01
CA LEU A 164 0.72 2.95 -0.75
C LEU A 164 -0.09 3.57 0.38
N TYR A 165 -0.86 2.74 1.07
CA TYR A 165 -1.69 3.18 2.19
C TYR A 165 -0.99 3.03 3.54
N ASN A 166 -1.20 4.00 4.41
CA ASN A 166 -0.79 3.92 5.81
C ASN A 166 0.68 3.57 6.05
N GLN A 167 1.58 4.32 5.43
CA GLN A 167 3.02 4.14 5.65
C GLN A 167 3.61 5.36 6.35
N GLY A 168 2.74 6.26 6.81
CA GLY A 168 3.16 7.36 7.65
C GLY A 168 4.00 8.42 6.95
N CYS A 169 4.91 9.02 7.72
CA CYS A 169 5.66 10.18 7.27
C CYS A 169 6.92 9.82 6.47
N PHE A 170 7.26 8.54 6.41
CA PHE A 170 8.41 8.12 5.62
C PHE A 170 7.99 7.73 4.21
N ALA A 171 6.69 7.70 3.97
CA ALA A 171 6.16 7.24 2.68
C ALA A 171 6.60 8.13 1.53
N GLY A 172 6.99 9.36 1.85
CA GLY A 172 7.51 10.27 0.86
C GLY A 172 8.77 9.73 0.22
N GLY A 173 9.62 9.11 1.04
CA GLY A 173 10.83 8.49 0.55
C GLY A 173 10.56 7.15 -0.09
N THR A 174 9.48 6.50 0.34
CA THR A 174 9.09 5.21 -0.21
C THR A 174 8.62 5.38 -1.66
N ALA A 175 7.69 6.32 -1.85
CA ALA A 175 7.15 6.61 -3.17
C ALA A 175 8.25 6.84 -4.20
N LEU A 176 9.28 7.57 -3.79
CA LEU A 176 10.41 7.85 -4.67
C LEU A 176 11.20 6.58 -4.97
N ARG A 177 11.36 5.73 -3.96
CA ARG A 177 12.11 4.48 -4.12
C ARG A 177 11.40 3.54 -5.10
N VAL A 178 10.07 3.53 -5.05
CA VAL A 178 9.28 2.69 -5.94
C VAL A 178 9.34 3.22 -7.36
N ALA A 179 9.10 4.52 -7.51
CA ALA A 179 9.10 5.17 -8.81
C ALA A 179 10.47 5.04 -9.49
N LYS A 180 11.53 4.99 -8.68
CA LYS A 180 12.89 4.87 -9.18
C LYS A 180 13.09 3.60 -9.99
N ASP A 181 12.70 2.46 -9.42
CA ASP A 181 12.88 1.17 -10.08
C ASP A 181 11.93 1.00 -11.25
N LEU A 182 10.79 1.69 -11.21
CA LEU A 182 9.82 1.62 -12.30
C LEU A 182 10.33 2.27 -13.57
N ALA A 183 10.78 3.52 -13.46
CA ALA A 183 11.24 4.29 -14.61
C ALA A 183 12.52 3.71 -15.21
N GLU A 184 13.35 3.09 -14.37
CA GLU A 184 14.65 2.60 -14.80
C GLU A 184 14.58 1.22 -15.47
N ASN A 185 13.51 0.48 -15.18
CA ASN A 185 13.35 -0.88 -15.70
C ASN A 185 12.35 -0.94 -16.85
N ASN A 186 11.66 0.17 -17.10
CA ASN A 186 10.71 0.28 -18.20
C ASN A 186 11.09 1.45 -19.11
N GLU A 187 11.56 1.13 -20.31
CA GLU A 187 12.06 2.15 -21.23
C GLU A 187 10.94 3.06 -21.71
N GLY A 188 11.18 4.37 -21.63
CA GLY A 188 10.20 5.37 -22.04
C GLY A 188 9.19 5.69 -20.96
N ALA A 189 9.27 4.97 -19.84
CA ALA A 189 8.30 5.12 -18.75
C ALA A 189 8.34 6.50 -18.12
N ARG A 190 7.16 7.03 -17.84
CA ARG A 190 7.00 8.26 -17.09
C ARG A 190 6.06 8.02 -15.92
N VAL A 191 6.53 8.26 -14.71
CA VAL A 191 5.79 7.95 -13.50
C VAL A 191 5.21 9.20 -12.86
N LEU A 192 3.92 9.17 -12.54
CA LEU A 192 3.28 10.22 -11.78
C LEU A 192 3.18 9.83 -10.31
N VAL A 193 3.82 10.61 -9.44
CA VAL A 193 3.79 10.36 -8.00
C VAL A 193 2.99 11.44 -7.30
N VAL A 194 2.11 11.03 -6.38
CA VAL A 194 1.25 11.95 -5.66
C VAL A 194 1.23 11.64 -4.16
N CYS A 195 1.56 12.65 -3.35
CA CYS A 195 1.42 12.57 -1.91
C CYS A 195 0.34 13.56 -1.46
N ALA A 196 -0.54 13.11 -0.57
CA ALA A 196 -1.65 13.95 -0.12
C ALA A 196 -2.15 13.51 1.25
N GLU A 197 -2.56 14.48 2.06
CA GLU A 197 -3.04 14.21 3.41
C GLU A 197 -4.23 15.11 3.76
N ASN A 198 -4.86 14.82 4.89
CA ASN A 198 -6.03 15.56 5.36
C ASN A 198 -6.29 15.23 6.83
N THR A 199 -6.28 16.26 7.68
CA THR A 199 -6.35 16.05 9.13
C THR A 199 -7.70 15.53 9.62
N ALA A 200 -8.62 15.24 8.70
CA ALA A 200 -9.92 14.70 9.07
C ALA A 200 -9.79 13.27 9.62
N MET A 201 -8.65 12.65 9.39
CA MET A 201 -8.40 11.29 9.86
C MET A 201 -7.89 11.25 11.30
N THR A 202 -7.04 12.22 11.65
CA THR A 202 -6.33 12.20 12.92
C THR A 202 -6.78 13.25 13.95
N PHE A 203 -7.84 13.99 13.63
CA PHE A 203 -8.32 15.05 14.52
C PHE A 203 -8.97 14.46 15.76
N HIS A 204 -8.63 15.02 16.93
CA HIS A 204 -9.23 14.60 18.19
C HIS A 204 -9.39 15.78 19.15
N ALA A 205 -10.34 15.66 20.07
CA ALA A 205 -10.55 16.66 21.12
C ALA A 205 -9.63 16.36 22.29
N PRO A 206 -9.26 17.40 23.07
CA PRO A 206 -8.26 17.23 24.14
C PRO A 206 -8.70 16.27 25.24
N ASN A 207 -7.74 15.51 25.76
CA ASN A 207 -8.01 14.52 26.81
C ASN A 207 -6.82 14.38 27.75
N GLU A 208 -7.09 14.41 29.06
CA GLU A 208 -6.04 14.41 30.08
C GLU A 208 -5.19 13.13 30.05
N SER A 209 -5.84 11.99 29.86
CA SER A 209 -5.15 10.71 29.89
C SER A 209 -4.30 10.47 28.64
N HIS A 210 -4.81 10.92 27.50
CA HIS A 210 -4.13 10.73 26.22
C HIS A 210 -3.54 12.06 25.72
N LEU A 211 -2.38 12.43 26.26
CA LEU A 211 -1.75 13.71 25.93
C LEU A 211 -0.97 13.68 24.63
N ASP A 212 -0.96 12.52 23.98
CA ASP A 212 -0.30 12.39 22.68
C ASP A 212 -1.01 13.26 21.65
N VAL A 213 -2.32 13.40 21.81
CA VAL A 213 -3.14 14.22 20.92
C VAL A 213 -2.67 15.67 20.93
N ILE A 214 -2.44 16.20 22.13
CA ILE A 214 -2.02 17.59 22.31
C ILE A 214 -0.86 17.97 21.39
N VAL A 215 0.09 17.05 21.22
CA VAL A 215 1.27 17.32 20.41
C VAL A 215 0.91 17.35 18.93
N GLY A 216 -0.02 16.50 18.52
CA GLY A 216 -0.39 16.38 17.13
C GLY A 216 -1.28 17.50 16.62
N GLN A 217 -2.22 17.94 17.46
CA GLN A 217 -3.17 18.98 17.06
C GLN A 217 -2.50 20.35 16.97
N ALA A 218 -1.29 20.47 17.50
CA ALA A 218 -0.52 21.71 17.43
C ALA A 218 0.57 21.59 16.37
N MET A 219 0.36 20.70 15.41
CA MET A 219 1.41 20.33 14.47
C MET A 219 0.84 19.90 13.12
N PHE A 220 -0.09 18.95 13.14
CA PHE A 220 -0.61 18.36 11.92
C PHE A 220 -1.37 19.35 11.06
N SER A 221 -1.12 19.28 9.75
CA SER A 221 -1.84 20.06 8.76
C SER A 221 -2.07 19.18 7.54
N ASP A 222 -2.39 19.78 6.40
CA ASP A 222 -2.54 19.01 5.18
C ASP A 222 -2.10 19.78 3.93
N GLY A 223 -1.93 19.05 2.84
CA GLY A 223 -1.46 19.59 1.59
C GLY A 223 -1.29 18.46 0.59
N ALA A 224 -0.73 18.77 -0.58
CA ALA A 224 -0.56 17.76 -1.60
C ALA A 224 0.56 18.12 -2.57
N ALA A 225 1.44 17.17 -2.84
CA ALA A 225 2.56 17.37 -3.75
C ALA A 225 2.50 16.36 -4.89
N ALA A 226 3.04 16.75 -6.05
CA ALA A 226 3.06 15.88 -7.21
C ALA A 226 4.39 15.98 -7.96
N LEU A 227 4.90 14.83 -8.39
CA LEU A 227 6.18 14.69 -9.05
C LEU A 227 6.06 13.98 -10.36
N ILE A 228 7.00 14.13 -11.25
CA ILE A 228 7.05 13.30 -12.45
C ILE A 228 8.47 12.76 -12.63
N ILE A 229 8.60 11.44 -12.44
CA ILE A 229 9.88 10.76 -12.57
C ILE A 229 10.01 10.14 -13.96
N GLY A 230 11.24 10.08 -14.46
CA GLY A 230 11.49 9.50 -15.77
C GLY A 230 12.98 9.37 -16.02
N ALA A 231 13.34 8.32 -16.75
CA ALA A 231 14.75 8.07 -17.09
C ALA A 231 15.07 8.66 -18.46
N CYS A 232 16.29 9.18 -18.58
CA CYS A 232 16.80 9.72 -19.85
C CYS A 232 15.92 10.86 -20.38
N PRO A 233 15.95 12.01 -19.70
CA PRO A 233 15.18 13.20 -20.09
C PRO A 233 15.27 13.52 -21.57
N ASP A 234 14.13 13.80 -22.20
CA ASP A 234 14.09 14.14 -23.63
C ASP A 234 14.11 15.67 -23.80
N VAL A 235 15.32 16.21 -23.90
CA VAL A 235 15.52 17.65 -23.96
C VAL A 235 14.87 18.26 -25.21
N ALA A 236 14.90 17.52 -26.31
CA ALA A 236 14.33 17.99 -27.56
C ALA A 236 12.81 18.14 -27.46
N SER A 237 12.20 17.31 -26.62
CA SER A 237 10.75 17.32 -26.46
C SER A 237 10.29 18.42 -25.49
N GLY A 238 11.24 19.00 -24.75
CA GLY A 238 10.95 20.08 -23.83
C GLY A 238 11.02 19.67 -22.37
N GLU A 239 11.52 18.46 -22.12
CA GLU A 239 11.70 17.97 -20.76
C GLU A 239 12.96 18.55 -20.14
N ARG A 240 12.87 18.94 -18.86
CA ARG A 240 14.01 19.48 -18.14
C ARG A 240 14.15 18.79 -16.78
N ALA A 241 15.32 18.17 -16.56
CA ALA A 241 15.61 17.53 -15.29
C ALA A 241 15.73 18.59 -14.19
N VAL A 242 15.36 18.22 -12.97
CA VAL A 242 15.45 19.13 -11.82
C VAL A 242 16.38 18.52 -10.76
N PHE A 243 16.16 17.25 -10.46
CA PHE A 243 17.06 16.48 -9.60
C PHE A 243 17.25 15.09 -10.18
N ASN A 244 18.43 14.52 -9.98
CA ASN A 244 18.68 13.13 -10.32
C ASN A 244 18.68 12.26 -9.07
N ILE A 245 18.25 11.02 -9.22
CA ILE A 245 18.19 10.07 -8.12
C ILE A 245 19.25 8.99 -8.32
N LEU A 246 20.21 8.94 -7.39
CA LEU A 246 21.36 8.05 -7.52
C LEU A 246 21.20 6.76 -6.71
N SER A 247 20.46 6.84 -5.60
CA SER A 247 20.24 5.68 -4.75
C SER A 247 19.11 5.92 -3.77
N ALA A 248 18.54 4.85 -3.23
CA ALA A 248 17.46 4.94 -2.27
C ALA A 248 17.47 3.75 -1.32
N SER A 249 17.70 4.02 -0.03
CA SER A 249 17.84 2.97 0.98
C SER A 249 16.78 3.10 2.08
N GLN A 250 16.56 1.98 2.79
CA GLN A 250 15.64 1.95 3.92
C GLN A 250 16.27 1.17 5.07
N THR A 251 16.09 1.67 6.29
CA THR A 251 16.71 1.07 7.47
C THR A 251 15.81 1.10 8.70
N ILE A 252 15.77 0.00 9.43
CA ILE A 252 15.08 -0.06 10.72
C ILE A 252 16.06 0.31 11.82
N VAL A 253 15.59 1.07 12.79
CA VAL A 253 16.46 1.57 13.85
C VAL A 253 16.49 0.57 15.02
N PRO A 254 17.69 0.16 15.47
CA PRO A 254 17.75 -0.82 16.56
C PRO A 254 17.22 -0.31 17.91
N GLY A 255 16.50 -1.17 18.63
CA GLY A 255 16.03 -0.87 19.96
C GLY A 255 15.02 0.25 20.02
N SER A 256 14.09 0.23 19.07
CA SER A 256 13.13 1.31 18.88
C SER A 256 11.70 0.81 18.83
N ASP A 257 11.51 -0.48 19.09
CA ASP A 257 10.20 -1.11 18.96
C ASP A 257 9.17 -0.50 19.93
N GLY A 258 8.11 0.09 19.37
CA GLY A 258 7.03 0.65 20.16
C GLY A 258 7.02 2.17 20.21
N ALA A 259 8.09 2.80 19.73
CA ALA A 259 8.25 4.25 19.80
C ALA A 259 7.10 4.99 19.13
N ILE A 260 6.69 4.51 17.96
CA ILE A 260 5.49 5.00 17.28
C ILE A 260 4.56 3.85 16.98
N THR A 261 3.30 4.00 17.40
CA THR A 261 2.26 3.03 17.10
C THR A 261 0.95 3.78 16.86
N ALA A 262 0.31 3.45 15.74
CA ALA A 262 -0.97 4.04 15.38
C ALA A 262 -1.97 2.95 15.03
N HIS A 263 -3.14 3.02 15.66
CA HIS A 263 -4.21 2.07 15.39
C HIS A 263 -5.35 2.78 14.67
N PHE A 264 -6.02 2.06 13.79
CA PHE A 264 -7.18 2.59 13.08
C PHE A 264 -8.46 2.04 13.68
N TYR A 265 -8.94 2.74 14.71
CA TYR A 265 -10.11 2.33 15.46
C TYR A 265 -11.38 3.05 14.98
N GLU A 266 -12.48 2.81 15.68
CA GLU A 266 -13.75 3.42 15.36
C GLU A 266 -13.72 4.92 15.61
N MET A 267 -12.80 5.36 16.46
CA MET A 267 -12.63 6.78 16.77
C MET A 267 -11.69 7.45 15.78
N GLY A 268 -11.34 6.74 14.70
CA GLY A 268 -10.37 7.22 13.73
C GLY A 268 -8.98 6.70 14.08
N MET A 269 -7.96 7.48 13.77
CA MET A 269 -6.58 7.08 14.03
C MET A 269 -6.13 7.52 15.43
N SER A 270 -5.82 6.53 16.27
CA SER A 270 -5.32 6.78 17.61
C SER A 270 -3.84 6.41 17.69
N TYR A 271 -2.99 7.40 17.96
CA TYR A 271 -1.54 7.23 17.90
C TYR A 271 -0.87 7.42 19.26
N PHE A 272 0.31 6.83 19.43
CA PHE A 272 1.05 6.93 20.69
C PHE A 272 2.52 7.25 20.44
N LEU A 273 3.02 8.25 21.16
CA LEU A 273 4.41 8.71 21.02
C LEU A 273 5.17 8.47 22.31
N LYS A 274 6.30 7.77 22.23
CA LYS A 274 7.15 7.53 23.39
C LYS A 274 8.06 8.75 23.61
N GLU A 275 8.59 8.87 24.83
CA GLU A 275 9.31 10.08 25.23
C GLU A 275 10.71 10.17 24.65
N ASP A 276 11.15 9.12 23.95
CA ASP A 276 12.51 9.05 23.42
C ASP A 276 12.54 8.71 21.93
N VAL A 277 11.72 9.40 21.15
CA VAL A 277 11.76 9.24 19.69
C VAL A 277 12.99 9.93 19.14
N ILE A 278 13.23 11.17 19.59
CA ILE A 278 14.30 11.99 19.04
C ILE A 278 15.69 11.43 19.38
N PRO A 279 15.91 11.00 20.64
CA PRO A 279 17.21 10.41 20.95
C PRO A 279 17.56 9.18 20.10
N LEU A 280 16.56 8.36 19.78
CA LEU A 280 16.80 7.14 18.99
C LEU A 280 17.16 7.46 17.54
N PHE A 281 16.48 8.46 16.96
CA PHE A 281 16.81 8.92 15.61
C PHE A 281 18.15 9.65 15.62
N ARG A 282 18.35 10.48 16.64
CA ARG A 282 19.55 11.29 16.79
C ARG A 282 20.82 10.43 16.82
N ASP A 283 20.77 9.34 17.59
CA ASP A 283 21.96 8.52 17.83
C ASP A 283 22.05 7.34 16.85
N ASN A 284 21.43 7.47 15.69
CA ASN A 284 21.47 6.42 14.68
C ASN A 284 21.50 6.95 13.24
N ILE A 285 21.29 8.26 13.08
CA ILE A 285 21.24 8.86 11.74
C ILE A 285 22.63 8.88 11.11
N ALA A 286 23.66 8.95 11.94
CA ALA A 286 25.04 9.02 11.48
C ALA A 286 25.41 7.80 10.65
N ALA A 287 24.95 6.63 11.08
CA ALA A 287 25.26 5.38 10.39
C ALA A 287 24.53 5.30 9.05
N VAL A 288 23.30 5.80 9.01
CA VAL A 288 22.50 5.77 7.78
C VAL A 288 23.14 6.66 6.70
N MET A 289 23.73 7.77 7.13
CA MET A 289 24.38 8.71 6.21
C MET A 289 25.68 8.13 5.69
N GLU A 290 26.44 7.53 6.55
CA GLU A 290 27.68 6.91 6.22
C GLU A 290 27.57 5.85 5.14
N GLU A 291 26.48 5.15 5.04
CA GLU A 291 26.31 4.05 4.11
C GLU A 291 26.01 4.54 2.69
N ALA A 292 25.09 5.48 2.59
CA ALA A 292 24.63 5.98 1.29
C ALA A 292 25.70 6.82 0.59
N PHE A 293 26.61 7.40 1.34
CA PHE A 293 27.52 8.40 0.80
C PHE A 293 28.98 7.97 0.68
N SER A 294 29.30 6.75 1.11
CA SER A 294 30.66 6.23 0.96
C SER A 294 31.01 5.93 -0.50
N PRO A 295 30.05 5.38 -1.27
CA PRO A 295 30.29 5.18 -2.70
C PRO A 295 30.70 6.47 -3.44
N LEU A 296 30.43 7.63 -2.84
CA LEU A 296 30.76 8.91 -3.45
C LEU A 296 31.97 9.56 -2.79
N GLY A 297 32.43 8.98 -1.69
CA GLY A 297 33.60 9.50 -0.99
C GLY A 297 33.31 10.76 -0.19
N VAL A 298 32.06 10.92 0.23
CA VAL A 298 31.65 12.09 1.01
C VAL A 298 31.74 11.77 2.51
N SER A 299 32.21 12.74 3.28
CA SER A 299 32.33 12.60 4.72
C SER A 299 31.74 13.82 5.42
N ASP A 300 32.03 15.00 4.89
CA ASP A 300 31.54 16.26 5.43
C ASP A 300 30.07 16.45 5.12
N TRP A 301 29.26 16.62 6.17
CA TRP A 301 27.81 16.67 6.01
C TRP A 301 27.29 18.07 5.68
N ASN A 302 28.20 19.04 5.58
CA ASN A 302 27.82 20.41 5.21
C ASN A 302 28.01 20.68 3.73
N SER A 303 28.61 19.72 3.02
CA SER A 303 28.77 19.84 1.57
C SER A 303 27.50 19.39 0.83
N LEU A 304 26.44 19.13 1.60
CA LEU A 304 25.19 18.63 1.04
C LEU A 304 24.03 19.61 1.24
N PHE A 305 23.02 19.52 0.37
CA PHE A 305 21.75 20.19 0.60
C PHE A 305 20.76 19.16 1.13
N TYR A 306 19.86 19.61 2.01
CA TYR A 306 19.01 18.69 2.75
C TYR A 306 17.51 18.92 2.55
N SER A 307 16.77 17.82 2.66
CA SER A 307 15.31 17.86 2.72
C SER A 307 14.86 16.95 3.84
N ILE A 308 15.03 17.41 5.08
CA ILE A 308 14.68 16.63 6.26
C ILE A 308 13.19 16.78 6.56
N HIS A 309 12.53 15.65 6.84
CA HIS A 309 11.12 15.67 7.19
C HIS A 309 10.90 16.52 8.45
N PRO A 310 10.10 17.60 8.33
CA PRO A 310 9.89 18.47 9.49
C PRO A 310 8.98 17.83 10.54
N GLY A 311 9.55 16.92 11.33
CA GLY A 311 8.81 16.28 12.40
C GLY A 311 8.93 17.06 13.69
N GLY A 312 8.76 18.38 13.61
CA GLY A 312 8.89 19.25 14.75
C GLY A 312 10.31 19.78 14.88
N ARG A 313 10.47 20.86 15.65
CA ARG A 313 11.79 21.48 15.83
C ARG A 313 12.82 20.52 16.42
N GLY A 314 12.36 19.63 17.29
CA GLY A 314 13.24 18.71 17.97
C GLY A 314 13.99 17.81 17.02
N ILE A 315 13.25 17.14 16.18
CA ILE A 315 13.82 16.29 15.15
C ILE A 315 14.79 16.93 14.19
N ILE A 316 14.68 18.21 13.94
CA ILE A 316 15.58 18.90 13.05
C ILE A 316 16.76 19.39 13.80
N ASP A 317 16.49 20.10 14.88
CA ASP A 317 17.50 20.65 15.74
C ASP A 317 18.30 19.56 16.39
N GLY A 318 17.78 18.37 16.39
CA GLY A 318 18.50 17.23 16.88
C GLY A 318 19.25 16.40 15.89
N VAL A 319 18.70 16.15 14.75
CA VAL A 319 19.43 15.55 13.64
C VAL A 319 20.52 16.52 13.18
N ALA A 320 20.27 17.81 13.35
CA ALA A 320 21.23 18.84 12.96
C ALA A 320 22.51 18.74 13.77
N GLY A 321 22.38 18.81 15.09
CA GLY A 321 23.51 18.83 15.99
C GLY A 321 24.42 17.63 15.85
N ASN A 322 23.82 16.44 15.75
CA ASN A 322 24.56 15.20 15.63
C ASN A 322 25.47 15.18 14.40
N LEU A 323 24.91 15.54 13.25
CA LEU A 323 25.67 15.56 12.00
C LEU A 323 26.48 16.85 11.87
N GLY A 324 26.08 17.87 12.61
CA GLY A 324 26.78 19.15 12.59
C GLY A 324 26.40 19.98 11.37
N ILE A 325 25.10 20.08 11.10
CA ILE A 325 24.60 20.84 9.98
C ILE A 325 24.35 22.30 10.39
N LYS A 326 24.99 23.23 9.69
CA LYS A 326 24.83 24.65 9.96
C LYS A 326 23.44 25.14 9.54
N ASP A 327 22.99 26.22 10.17
CA ASP A 327 21.65 26.77 9.91
C ASP A 327 21.46 27.15 8.43
N GLU A 328 22.57 27.36 7.74
CA GLU A 328 22.55 27.70 6.33
C GLU A 328 21.88 26.63 5.46
N ASN A 329 22.04 25.37 5.87
CA ASN A 329 21.57 24.24 5.07
C ASN A 329 20.21 23.68 5.51
N LEU A 330 19.62 24.31 6.53
CA LEU A 330 18.30 23.91 7.03
C LEU A 330 17.25 24.98 6.76
N VAL A 331 17.59 25.94 5.91
CA VAL A 331 16.68 27.02 5.57
C VAL A 331 15.42 26.51 4.89
N ALA A 332 15.60 25.61 3.93
CA ALA A 332 14.49 25.11 3.12
C ALA A 332 13.55 24.23 3.94
N THR A 333 14.09 23.41 4.81
CA THR A 333 13.30 22.51 5.61
C THR A 333 12.58 23.23 6.69
N ARG A 334 13.19 24.25 7.26
CA ARG A 334 12.57 25.02 8.34
C ARG A 334 11.54 26.01 7.79
N HIS A 335 11.67 26.36 6.52
CA HIS A 335 10.75 27.30 5.89
C HIS A 335 9.37 26.67 5.72
N VAL A 336 9.34 25.43 5.26
CA VAL A 336 8.08 24.72 5.04
C VAL A 336 7.35 24.52 6.35
N LEU A 337 8.09 24.14 7.38
CA LEU A 337 7.51 23.94 8.71
C LEU A 337 6.79 25.19 9.20
N GLY A 338 7.38 26.36 8.92
CA GLY A 338 6.85 27.61 9.41
C GLY A 338 5.58 28.07 8.72
N GLU A 339 5.46 27.77 7.42
CA GLU A 339 4.37 28.31 6.61
C GLU A 339 3.28 27.29 6.29
N TYR A 340 3.43 26.05 6.77
CA TYR A 340 2.46 25.00 6.44
C TYR A 340 2.24 23.98 7.57
N GLY A 341 3.27 23.75 8.39
CA GLY A 341 3.20 22.73 9.43
C GLY A 341 3.57 21.37 8.89
N ASN A 342 3.18 20.32 9.62
CA ASN A 342 3.47 18.95 9.20
C ASN A 342 2.38 18.37 8.30
N MET A 343 2.66 18.31 7.00
CA MET A 343 1.70 17.81 6.01
C MET A 343 1.91 16.32 5.72
N GLY A 344 2.54 15.60 6.64
CA GLY A 344 2.72 14.17 6.48
C GLY A 344 3.76 13.81 5.45
N SER A 345 3.35 13.02 4.46
CA SER A 345 4.28 12.48 3.47
C SER A 345 4.60 13.48 2.35
N ALA A 346 3.83 14.57 2.29
CA ALA A 346 4.01 15.57 1.23
C ALA A 346 5.04 16.64 1.62
N CYS A 347 5.43 16.65 2.89
CA CYS A 347 6.36 17.67 3.39
C CYS A 347 7.68 17.71 2.64
N VAL A 348 8.20 16.54 2.28
CA VAL A 348 9.53 16.45 1.69
C VAL A 348 9.57 16.90 0.23
N MET A 349 8.47 16.69 -0.50
CA MET A 349 8.41 17.18 -1.87
C MET A 349 8.21 18.69 -1.87
N PHE A 350 7.49 19.19 -0.91
CA PHE A 350 7.36 20.60 -0.66
C PHE A 350 8.70 21.30 -0.43
N ILE A 351 9.61 20.68 0.31
CA ILE A 351 10.92 21.24 0.58
C ILE A 351 11.81 21.20 -0.66
N LEU A 352 11.63 20.18 -1.49
CA LEU A 352 12.39 20.07 -2.73
C LEU A 352 12.05 21.21 -3.68
N ASP A 353 10.77 21.52 -3.78
CA ASP A 353 10.32 22.61 -4.62
C ASP A 353 10.82 23.94 -4.06
N GLU A 354 10.97 23.99 -2.74
CA GLU A 354 11.45 25.20 -2.06
C GLU A 354 12.88 25.54 -2.47
N LEU A 355 13.72 24.53 -2.57
CA LEU A 355 15.13 24.71 -2.92
C LEU A 355 15.31 25.22 -4.35
N ARG A 356 14.95 24.40 -5.28
CA ARG A 356 15.07 24.71 -6.68
C ARG A 356 14.59 26.06 -7.11
N LYS A 357 13.56 26.53 -6.47
CA LYS A 357 12.98 27.84 -6.76
C LYS A 357 13.75 28.94 -6.04
N SER A 358 14.18 28.67 -4.81
CA SER A 358 14.95 29.65 -4.05
C SER A 358 16.32 29.85 -4.69
N SER A 359 16.81 28.80 -5.35
CA SER A 359 18.15 28.81 -5.95
C SER A 359 18.19 29.67 -7.22
N LYS A 360 17.10 29.66 -7.98
CA LYS A 360 17.03 30.46 -9.20
C LYS A 360 16.94 31.95 -8.85
N VAL A 361 16.24 32.25 -7.77
CA VAL A 361 16.06 33.64 -7.33
C VAL A 361 17.38 34.23 -6.82
N ASN A 362 18.12 33.45 -6.05
CA ASN A 362 19.36 33.91 -5.44
C ASN A 362 20.58 33.71 -6.35
N GLY A 363 20.32 33.36 -7.61
CA GLY A 363 21.39 33.20 -8.59
C GLY A 363 22.42 32.14 -8.23
N LYS A 364 21.95 30.99 -7.78
CA LYS A 364 22.84 29.88 -7.43
C LYS A 364 23.19 29.05 -8.66
N PRO A 365 24.41 28.47 -8.71
CA PRO A 365 24.83 27.72 -9.90
C PRO A 365 23.99 26.47 -10.15
N THR A 366 23.39 25.91 -9.10
CA THR A 366 22.67 24.65 -9.21
C THR A 366 21.34 24.67 -8.47
N THR A 367 20.52 23.66 -8.71
CA THR A 367 19.20 23.56 -8.09
C THR A 367 19.28 23.13 -6.63
N GLY A 368 20.50 22.80 -6.19
CA GLY A 368 20.73 22.36 -4.82
C GLY A 368 21.47 23.40 -4.00
N ASP A 369 21.08 24.65 -4.12
CA ASP A 369 21.60 25.74 -3.36
C ASP A 369 23.10 25.93 -3.63
N GLY A 370 23.54 25.51 -4.80
CA GLY A 370 24.92 25.64 -5.23
C GLY A 370 25.79 24.44 -4.92
N LYS A 371 25.18 23.37 -4.42
CA LYS A 371 25.89 22.15 -4.05
C LYS A 371 25.61 21.04 -5.06
N GLU A 372 26.45 20.01 -5.06
CA GLU A 372 26.34 18.93 -6.05
C GLU A 372 25.39 17.82 -5.59
N PHE A 373 25.61 17.33 -4.39
CA PHE A 373 24.84 16.20 -3.85
C PHE A 373 23.96 16.62 -2.68
N GLY A 374 22.84 15.91 -2.50
CA GLY A 374 21.93 16.17 -1.41
C GLY A 374 21.28 14.87 -0.92
N CYS A 375 20.47 14.98 0.13
CA CYS A 375 19.83 13.81 0.71
C CYS A 375 18.39 14.08 1.14
N LEU A 376 17.56 13.05 0.98
CA LEU A 376 16.16 13.09 1.41
C LEU A 376 15.94 12.19 2.62
N ILE A 377 15.57 12.78 3.74
CA ILE A 377 15.36 12.03 4.98
C ILE A 377 13.88 11.98 5.37
N GLY A 378 13.31 10.78 5.30
CA GLY A 378 11.95 10.53 5.76
C GLY A 378 11.98 9.66 7.01
N LEU A 379 11.14 10.02 7.99
CA LEU A 379 11.11 9.32 9.27
C LEU A 379 9.69 8.87 9.61
N GLY A 380 9.54 7.64 10.08
CA GLY A 380 8.24 7.11 10.43
C GLY A 380 8.30 5.92 11.37
N PRO A 381 7.16 5.23 11.54
CA PRO A 381 7.01 4.08 12.45
C PRO A 381 7.99 2.95 12.16
N GLY A 382 8.45 2.29 13.22
CA GLY A 382 9.40 1.19 13.08
C GLY A 382 10.29 1.01 14.29
N LEU A 383 11.24 1.92 14.52
CA LEU A 383 11.44 3.11 13.71
C LEU A 383 12.02 2.80 12.34
N THR A 384 11.71 3.65 11.38
CA THR A 384 12.13 3.47 9.99
C THR A 384 12.72 4.78 9.46
N VAL A 385 13.77 4.64 8.65
CA VAL A 385 14.42 5.79 8.04
C VAL A 385 14.65 5.55 6.55
N GLU A 386 14.07 6.41 5.71
CA GLU A 386 14.28 6.36 4.27
C GLU A 386 15.31 7.41 3.86
N ALA A 387 16.34 6.99 3.13
CA ALA A 387 17.39 7.89 2.68
C ALA A 387 17.58 7.80 1.17
N VAL A 388 17.32 8.91 0.48
CA VAL A 388 17.47 8.98 -0.98
C VAL A 388 18.56 9.99 -1.34
N VAL A 389 19.62 9.52 -1.98
CA VAL A 389 20.71 10.38 -2.42
C VAL A 389 20.32 11.09 -3.72
N LEU A 390 20.46 12.41 -3.73
CA LEU A 390 20.08 13.23 -4.88
C LEU A 390 21.27 13.97 -5.47
N GLN A 391 21.09 14.46 -6.69
CA GLN A 391 22.11 15.23 -7.39
C GLN A 391 21.46 16.41 -8.08
N SER A 392 22.05 17.59 -7.94
CA SER A 392 21.48 18.80 -8.53
C SER A 392 21.76 18.87 -10.02
N VAL A 393 21.24 19.91 -10.66
CA VAL A 393 21.54 20.20 -12.06
C VAL A 393 21.82 21.69 -12.22
N PRO A 394 22.58 22.07 -13.27
CA PRO A 394 22.92 23.48 -13.48
C PRO A 394 21.70 24.38 -13.75
N ILE A 395 21.82 25.65 -13.37
CA ILE A 395 20.82 26.66 -13.70
C ILE A 395 21.46 27.67 -14.64
N LEU A 396 20.72 28.09 -15.66
CA LEU A 396 21.23 28.98 -16.69
C LEU A 396 20.68 30.39 -16.56
N LYS B 20 18.83 -11.35 -15.97
CA LYS B 20 18.23 -10.24 -16.71
C LYS B 20 16.70 -10.28 -16.61
N ARG B 21 16.16 -11.47 -16.36
CA ARG B 21 14.72 -11.68 -16.32
C ARG B 21 14.30 -12.36 -15.02
N ALA B 22 13.37 -11.75 -14.32
CA ALA B 22 12.92 -12.25 -13.01
C ALA B 22 12.32 -13.65 -13.10
N SER B 23 12.61 -14.48 -12.11
CA SER B 23 12.12 -15.85 -12.06
C SER B 23 11.60 -16.21 -10.68
N VAL B 24 10.59 -17.07 -10.63
CA VAL B 24 10.13 -17.65 -9.39
C VAL B 24 11.07 -18.77 -8.98
N LEU B 25 11.56 -18.71 -7.74
CA LEU B 25 12.60 -19.62 -7.27
C LEU B 25 12.09 -20.61 -6.23
N ALA B 26 10.95 -20.28 -5.61
CA ALA B 26 10.36 -21.16 -4.60
C ALA B 26 8.93 -20.73 -4.26
N ILE B 27 8.11 -21.68 -3.82
CA ILE B 27 6.74 -21.40 -3.41
C ILE B 27 6.41 -22.13 -2.11
N GLY B 28 5.66 -21.47 -1.24
CA GLY B 28 5.23 -22.04 0.02
C GLY B 28 3.87 -21.52 0.43
N THR B 29 3.06 -22.40 1.01
CA THR B 29 1.69 -22.04 1.40
C THR B 29 1.35 -22.64 2.76
N THR B 30 0.27 -22.16 3.35
CA THR B 30 -0.24 -22.72 4.60
C THR B 30 -1.62 -22.18 4.92
N ASN B 31 -2.29 -22.84 5.87
CA ASN B 31 -3.57 -22.38 6.38
C ASN B 31 -3.65 -22.65 7.87
N PRO B 32 -4.65 -22.06 8.55
CA PRO B 32 -4.91 -22.46 9.93
C PRO B 32 -5.33 -23.93 10.01
N GLU B 33 -5.09 -24.57 11.14
CA GLU B 33 -5.47 -25.97 11.30
C GLU B 33 -6.98 -26.13 11.26
N HIS B 34 -7.68 -25.30 12.04
CA HIS B 34 -9.13 -25.38 12.14
C HIS B 34 -9.81 -25.14 10.79
N PHE B 35 -10.62 -26.10 10.37
CA PHE B 35 -11.38 -25.98 9.11
C PHE B 35 -12.81 -26.47 9.30
N ILE B 36 -13.67 -26.05 8.37
CA ILE B 36 -15.09 -26.41 8.41
C ILE B 36 -15.54 -26.85 7.02
N LEU B 37 -16.30 -27.95 6.97
CA LEU B 37 -16.85 -28.45 5.72
C LEU B 37 -18.03 -27.59 5.28
N GLN B 38 -18.10 -27.33 3.98
CA GLN B 38 -19.19 -26.54 3.41
C GLN B 38 -20.53 -27.20 3.74
N GLU B 39 -20.48 -28.52 3.86
CA GLU B 39 -21.61 -29.33 4.29
C GLU B 39 -22.24 -28.82 5.59
N ASP B 40 -21.39 -28.33 6.50
CA ASP B 40 -21.80 -27.99 7.86
C ASP B 40 -21.70 -26.50 8.20
N TYR B 41 -21.51 -25.65 7.20
CA TYR B 41 -21.29 -24.23 7.46
C TYR B 41 -22.57 -23.43 7.70
N PRO B 42 -23.65 -23.73 6.95
CA PRO B 42 -24.89 -22.99 7.19
C PRO B 42 -25.42 -23.12 8.63
N ASP B 43 -25.26 -24.31 9.22
CA ASP B 43 -25.63 -24.50 10.62
C ASP B 43 -24.74 -23.63 11.51
N PHE B 44 -23.44 -23.70 11.27
CA PHE B 44 -22.45 -22.96 12.03
C PHE B 44 -22.67 -21.44 11.96
N TYR B 45 -23.14 -20.98 10.80
CA TYR B 45 -23.26 -19.55 10.54
C TYR B 45 -24.46 -18.92 11.25
N PHE B 46 -25.63 -19.52 11.09
CA PHE B 46 -26.86 -18.99 11.69
C PHE B 46 -26.96 -19.30 13.19
N ARG B 47 -26.17 -20.27 13.64
CA ARG B 47 -26.16 -20.65 15.06
C ARG B 47 -25.34 -19.67 15.89
N ASN B 48 -24.13 -19.36 15.41
CA ASN B 48 -23.18 -18.56 16.17
C ASN B 48 -23.29 -17.06 15.91
N THR B 49 -24.36 -16.65 15.22
CA THR B 49 -24.68 -15.23 15.05
C THR B 49 -26.05 -14.93 15.62
N ASN B 50 -26.64 -15.92 16.30
CA ASN B 50 -27.96 -15.77 16.91
C ASN B 50 -28.99 -15.32 15.88
N SER B 51 -29.19 -16.14 14.85
CA SER B 51 -30.07 -15.80 13.74
C SER B 51 -30.79 -17.02 13.19
N GLU B 52 -31.25 -17.90 14.08
CA GLU B 52 -31.98 -19.09 13.68
C GLU B 52 -33.43 -18.78 13.31
N HIS B 53 -33.89 -17.58 13.69
CA HIS B 53 -35.25 -17.16 13.40
C HIS B 53 -35.41 -16.69 11.95
N MET B 54 -34.29 -16.64 11.21
CA MET B 54 -34.31 -16.26 9.80
C MET B 54 -34.30 -17.50 8.92
N THR B 55 -35.39 -18.26 8.97
CA THR B 55 -35.46 -19.55 8.29
C THR B 55 -35.50 -19.42 6.77
N GLU B 56 -36.28 -18.46 6.27
CA GLU B 56 -36.38 -18.25 4.82
C GLU B 56 -35.02 -17.85 4.25
N LEU B 57 -34.31 -16.96 4.95
CA LEU B 57 -32.99 -16.52 4.53
C LEU B 57 -31.99 -17.67 4.55
N LYS B 58 -32.21 -18.63 5.45
CA LYS B 58 -31.29 -19.74 5.61
C LYS B 58 -31.32 -20.71 4.43
N GLU B 59 -32.47 -20.81 3.77
CA GLU B 59 -32.63 -21.73 2.64
C GLU B 59 -31.90 -21.24 1.39
N LYS B 60 -31.92 -19.92 1.18
CA LYS B 60 -31.23 -19.33 0.04
C LYS B 60 -29.75 -19.63 0.18
N PHE B 61 -29.24 -19.33 1.38
CA PHE B 61 -27.86 -19.60 1.75
C PHE B 61 -27.50 -21.06 1.48
N LYS B 62 -28.32 -21.96 2.00
CA LYS B 62 -28.15 -23.39 1.77
C LYS B 62 -28.00 -23.71 0.29
N ARG B 63 -28.89 -23.16 -0.52
CA ARG B 63 -28.85 -23.36 -1.97
C ARG B 63 -27.53 -22.88 -2.58
N ILE B 64 -27.10 -21.69 -2.17
CA ILE B 64 -25.87 -21.09 -2.68
C ILE B 64 -24.66 -21.95 -2.29
N CYS B 65 -24.68 -22.51 -1.08
CA CYS B 65 -23.56 -23.31 -0.58
C CYS B 65 -23.43 -24.64 -1.34
N VAL B 66 -24.53 -25.09 -1.95
CA VAL B 66 -24.56 -26.36 -2.65
C VAL B 66 -24.07 -26.20 -4.09
N LYS B 67 -24.34 -25.03 -4.68
CA LYS B 67 -23.93 -24.74 -6.05
C LYS B 67 -22.52 -24.14 -6.12
N SER B 68 -21.83 -24.07 -4.99
CA SER B 68 -20.57 -23.33 -4.91
C SER B 68 -19.35 -24.16 -5.31
N HIS B 69 -19.47 -25.48 -5.28
CA HIS B 69 -18.37 -26.40 -5.58
C HIS B 69 -17.20 -26.19 -4.61
N ILE B 70 -17.49 -25.67 -3.42
CA ILE B 70 -16.50 -25.53 -2.36
C ILE B 70 -16.74 -26.62 -1.32
N ARG B 71 -15.69 -27.39 -1.01
CA ARG B 71 -15.81 -28.54 -0.13
C ARG B 71 -15.41 -28.23 1.31
N LYS B 72 -14.34 -27.45 1.50
CA LYS B 72 -13.86 -27.11 2.83
C LYS B 72 -13.12 -25.77 2.84
N ARG B 73 -13.22 -25.05 3.95
CA ARG B 73 -12.54 -23.78 4.14
C ARG B 73 -11.91 -23.72 5.53
N HIS B 74 -10.74 -23.07 5.63
CA HIS B 74 -10.02 -22.93 6.89
C HIS B 74 -10.22 -21.55 7.48
N PHE B 75 -10.56 -21.48 8.76
CA PHE B 75 -10.79 -20.22 9.46
C PHE B 75 -10.03 -20.13 10.77
N TYR B 76 -9.56 -18.92 11.07
CA TYR B 76 -9.07 -18.61 12.41
C TYR B 76 -10.25 -18.45 13.36
N LEU B 77 -11.36 -17.95 12.84
CA LEU B 77 -12.57 -17.73 13.64
C LEU B 77 -13.24 -19.04 14.03
N THR B 78 -13.15 -19.37 15.31
CA THR B 78 -13.83 -20.54 15.85
C THR B 78 -15.14 -20.12 16.52
N GLU B 79 -15.79 -21.06 17.17
CA GLU B 79 -17.11 -20.83 17.77
C GLU B 79 -17.02 -20.05 19.08
N GLU B 80 -15.89 -20.18 19.78
CA GLU B 80 -15.71 -19.54 21.09
C GLU B 80 -15.18 -18.12 20.93
N ILE B 81 -14.42 -17.88 19.86
CA ILE B 81 -13.86 -16.56 19.59
C ILE B 81 -14.97 -15.58 19.22
N LEU B 82 -15.96 -16.06 18.47
CA LEU B 82 -17.16 -15.27 18.18
C LEU B 82 -17.96 -15.05 19.46
N LYS B 83 -17.72 -15.89 20.46
CA LYS B 83 -18.54 -15.92 21.66
C LYS B 83 -18.20 -14.77 22.62
N GLU B 84 -17.01 -14.20 22.46
CA GLU B 84 -16.59 -13.03 23.23
C GLU B 84 -16.95 -11.78 22.43
N ASN B 85 -16.37 -11.68 21.23
CA ASN B 85 -16.61 -10.56 20.34
C ASN B 85 -17.97 -10.68 19.68
N GLN B 86 -19.03 -10.41 20.44
CA GLN B 86 -20.39 -10.50 19.92
C GLN B 86 -20.67 -9.37 18.95
N GLY B 87 -19.86 -8.32 19.01
CA GLY B 87 -19.99 -7.21 18.09
C GLY B 87 -19.75 -7.66 16.66
N ILE B 88 -18.81 -8.59 16.48
CA ILE B 88 -18.51 -9.14 15.16
C ILE B 88 -19.65 -10.03 14.68
N ALA B 89 -20.36 -10.63 15.64
CA ALA B 89 -21.45 -11.55 15.32
C ALA B 89 -22.79 -10.84 15.19
N THR B 90 -22.79 -9.51 15.34
CA THR B 90 -24.01 -8.71 15.25
C THR B 90 -23.90 -7.68 14.13
N TYR B 91 -24.75 -7.82 13.12
CA TYR B 91 -24.65 -6.97 11.93
C TYR B 91 -24.82 -5.49 12.26
N GLY B 92 -23.96 -4.66 11.66
CA GLY B 92 -24.03 -3.22 11.81
C GLY B 92 -23.29 -2.69 13.03
N ALA B 93 -23.20 -3.51 14.06
CA ALA B 93 -22.57 -3.10 15.32
C ALA B 93 -21.10 -2.74 15.12
N GLY B 94 -20.64 -1.73 15.86
CA GLY B 94 -19.26 -1.32 15.80
C GLY B 94 -18.35 -2.40 16.37
N SER B 95 -17.41 -2.87 15.57
CA SER B 95 -16.56 -3.99 15.96
C SER B 95 -15.17 -3.92 15.34
N LEU B 96 -14.82 -2.77 14.78
CA LEU B 96 -13.52 -2.63 14.12
C LEU B 96 -12.37 -2.84 15.10
N ASP B 97 -12.55 -2.39 16.34
CA ASP B 97 -11.51 -2.54 17.35
C ASP B 97 -11.23 -4.01 17.63
N ALA B 98 -12.28 -4.78 17.85
CA ALA B 98 -12.14 -6.21 18.14
C ALA B 98 -11.49 -6.95 16.98
N ARG B 99 -11.86 -6.57 15.76
CA ARG B 99 -11.29 -7.19 14.57
C ARG B 99 -9.80 -6.91 14.45
N GLN B 100 -9.39 -5.68 14.75
CA GLN B 100 -7.99 -5.28 14.59
C GLN B 100 -7.08 -5.96 15.60
N ARG B 101 -7.55 -6.10 16.85
CA ARG B 101 -6.77 -6.78 17.89
C ARG B 101 -6.44 -8.20 17.47
N ILE B 102 -7.26 -8.76 16.59
CA ILE B 102 -7.05 -10.10 16.06
C ILE B 102 -6.13 -10.07 14.85
N LEU B 103 -6.39 -9.13 13.93
CA LEU B 103 -5.68 -9.09 12.65
C LEU B 103 -4.26 -8.54 12.76
N GLU B 104 -4.02 -7.69 13.77
CA GLU B 104 -2.73 -7.05 13.92
C GLU B 104 -1.60 -8.05 14.18
N THR B 105 -1.98 -9.22 14.70
CA THR B 105 -1.00 -10.24 15.09
C THR B 105 -1.09 -11.49 14.22
N GLU B 106 -2.31 -11.95 13.97
CA GLU B 106 -2.53 -13.25 13.33
C GLU B 106 -2.15 -13.29 11.85
N VAL B 107 -2.30 -12.15 11.16
CA VAL B 107 -2.02 -12.12 9.72
C VAL B 107 -0.53 -12.30 9.42
N PRO B 108 0.34 -11.50 10.06
CA PRO B 108 1.78 -11.70 9.79
C PRO B 108 2.30 -13.03 10.34
N LYS B 109 1.68 -13.52 11.42
CA LYS B 109 2.04 -14.81 11.98
C LYS B 109 1.73 -15.93 10.98
N LEU B 110 0.65 -15.76 10.23
CA LEU B 110 0.27 -16.73 9.20
C LEU B 110 1.23 -16.65 8.01
N GLY B 111 1.71 -15.45 7.72
CA GLY B 111 2.65 -15.24 6.63
C GLY B 111 4.03 -15.81 6.96
N GLN B 112 4.44 -15.66 8.21
CA GLN B 112 5.70 -16.22 8.68
C GLN B 112 5.78 -17.71 8.38
N GLU B 113 4.69 -18.42 8.67
CA GLU B 113 4.64 -19.87 8.51
C GLU B 113 4.81 -20.27 7.04
N ALA B 114 4.35 -19.41 6.14
CA ALA B 114 4.44 -19.68 4.71
C ALA B 114 5.84 -19.36 4.18
N ALA B 115 6.40 -18.24 4.64
CA ALA B 115 7.71 -17.80 4.20
C ALA B 115 8.80 -18.82 4.52
N LEU B 116 8.75 -19.37 5.73
CA LEU B 116 9.75 -20.35 6.16
C LEU B 116 9.79 -21.57 5.26
N LYS B 117 8.65 -21.92 4.68
CA LYS B 117 8.59 -23.05 3.74
C LYS B 117 9.30 -22.71 2.43
N ALA B 118 9.15 -21.47 1.98
CA ALA B 118 9.73 -21.04 0.71
C ALA B 118 11.25 -20.90 0.82
N ILE B 119 11.72 -20.47 2.00
CA ILE B 119 13.15 -20.31 2.24
C ILE B 119 13.83 -21.67 2.34
N ALA B 120 13.09 -22.66 2.82
CA ALA B 120 13.60 -24.02 2.93
C ALA B 120 13.90 -24.59 1.55
N GLU B 121 13.03 -24.30 0.59
CA GLU B 121 13.22 -24.74 -0.79
C GLU B 121 14.28 -23.89 -1.49
N TRP B 122 14.20 -22.58 -1.28
CA TRP B 122 15.18 -21.63 -1.80
C TRP B 122 16.60 -22.05 -1.41
N GLY B 123 16.78 -22.44 -0.15
CA GLY B 123 18.01 -23.06 0.30
C GLY B 123 19.21 -22.14 0.41
N GLN B 124 18.95 -20.83 0.53
CA GLN B 124 20.00 -19.84 0.67
C GLN B 124 19.94 -19.19 2.05
N PRO B 125 21.03 -18.52 2.47
CA PRO B 125 21.03 -17.80 3.75
C PRO B 125 20.02 -16.66 3.78
N ILE B 126 19.43 -16.42 4.95
CA ILE B 126 18.45 -15.35 5.14
C ILE B 126 19.09 -13.97 4.90
N SER B 127 20.41 -13.90 4.99
CA SER B 127 21.13 -12.65 4.77
C SER B 127 21.07 -12.18 3.31
N LYS B 128 20.65 -13.07 2.41
CA LYS B 128 20.64 -12.76 0.99
C LYS B 128 19.37 -12.01 0.57
N ILE B 129 18.30 -12.15 1.35
CA ILE B 129 17.05 -11.45 1.07
C ILE B 129 17.28 -9.95 1.19
N THR B 130 16.93 -9.22 0.13
CA THR B 130 17.16 -7.78 0.06
C THR B 130 15.86 -6.99 0.05
N HIS B 131 14.78 -7.61 -0.41
CA HIS B 131 13.47 -6.95 -0.49
C HIS B 131 12.36 -7.83 0.08
N VAL B 132 11.29 -7.18 0.52
CA VAL B 132 10.08 -7.87 0.96
C VAL B 132 8.85 -7.17 0.40
N VAL B 133 7.84 -7.90 -0.02
CA VAL B 133 6.59 -7.36 -0.52
C VAL B 133 5.46 -8.08 0.12
N PHE B 134 4.64 -7.42 0.91
CA PHE B 134 3.51 -8.01 1.55
C PHE B 134 2.23 -7.37 1.08
N ALA B 135 1.25 -8.17 0.68
CA ALA B 135 -0.09 -7.73 0.33
C ALA B 135 -1.18 -8.30 1.16
N THR B 136 -1.99 -7.45 1.78
CA THR B 136 -3.13 -7.85 2.59
C THR B 136 -4.25 -6.84 2.63
N THR B 137 -5.48 -7.32 2.62
CA THR B 137 -6.64 -6.45 2.84
C THR B 137 -7.13 -6.61 4.28
N SER B 138 -6.85 -7.76 4.86
CA SER B 138 -7.32 -8.08 6.21
C SER B 138 -6.49 -7.40 7.29
N GLY B 139 -6.94 -6.23 7.74
CA GLY B 139 -6.32 -5.52 8.83
C GLY B 139 -5.18 -4.61 8.40
N PHE B 140 -4.89 -3.61 9.24
CA PHE B 140 -3.83 -2.65 8.94
C PHE B 140 -3.52 -1.77 10.15
N MET B 141 -2.22 -1.53 10.37
CA MET B 141 -1.79 -0.61 11.42
C MET B 141 -0.43 -0.02 11.06
N MET B 142 0.17 0.68 12.02
CA MET B 142 1.49 1.31 11.83
C MET B 142 2.39 1.01 13.03
N PRO B 143 3.53 0.32 12.80
CA PRO B 143 4.03 -0.16 11.51
C PRO B 143 3.24 -1.38 11.01
N GLY B 144 3.27 -1.60 9.70
CA GLY B 144 2.45 -2.63 9.09
C GLY B 144 2.97 -4.04 9.29
N ALA B 145 2.33 -4.99 8.62
CA ALA B 145 2.69 -6.40 8.75
C ALA B 145 3.98 -6.72 8.00
N ASP B 146 4.56 -5.73 7.34
CA ASP B 146 5.84 -5.90 6.67
C ASP B 146 6.97 -5.74 7.68
N TYR B 147 6.74 -4.90 8.68
CA TYR B 147 7.70 -4.72 9.77
C TYR B 147 7.71 -5.96 10.68
N VAL B 148 6.52 -6.48 10.98
CA VAL B 148 6.39 -7.60 11.90
C VAL B 148 7.02 -8.86 11.34
N ILE B 149 6.82 -9.10 10.04
CA ILE B 149 7.37 -10.29 9.40
C ILE B 149 8.89 -10.16 9.23
N THR B 150 9.39 -8.92 9.27
CA THR B 150 10.81 -8.67 9.17
C THR B 150 11.51 -9.02 10.47
N ARG B 151 10.81 -8.83 11.59
CA ARG B 151 11.35 -9.19 12.90
C ARG B 151 11.19 -10.68 13.17
N LEU B 152 10.06 -11.25 12.77
CA LEU B 152 9.78 -12.66 13.02
C LEU B 152 10.75 -13.59 12.29
N LEU B 153 11.07 -13.26 11.05
CA LEU B 153 11.99 -14.07 10.25
C LEU B 153 13.44 -13.73 10.56
N GLY B 154 13.65 -12.61 11.25
CA GLY B 154 14.99 -12.20 11.64
C GLY B 154 15.79 -11.70 10.45
N LEU B 155 15.16 -10.88 9.61
CA LEU B 155 15.83 -10.34 8.42
C LEU B 155 16.71 -9.15 8.80
N ASN B 156 17.50 -8.70 7.84
CA ASN B 156 18.35 -7.54 8.03
C ASN B 156 17.53 -6.27 8.25
N ARG B 157 18.03 -5.37 9.10
CA ARG B 157 17.34 -4.13 9.37
C ARG B 157 17.33 -3.20 8.15
N THR B 158 18.19 -3.48 7.18
CA THR B 158 18.36 -2.62 6.01
C THR B 158 17.59 -3.12 4.80
N VAL B 159 16.59 -3.97 5.04
CA VAL B 159 15.77 -4.52 3.96
C VAL B 159 14.82 -3.46 3.41
N ARG B 160 14.67 -3.45 2.09
CA ARG B 160 13.75 -2.53 1.41
C ARG B 160 12.39 -3.20 1.18
N ARG B 161 11.36 -2.68 1.85
CA ARG B 161 10.05 -3.33 1.88
C ARG B 161 8.93 -2.46 1.32
N VAL B 162 7.91 -3.12 0.77
CA VAL B 162 6.75 -2.44 0.19
C VAL B 162 5.45 -3.00 0.79
N MET B 163 4.56 -2.09 1.20
CA MET B 163 3.32 -2.47 1.87
C MET B 163 2.10 -2.17 0.99
N LEU B 164 1.52 -3.22 0.42
CA LEU B 164 0.32 -3.09 -0.43
C LEU B 164 -0.95 -3.40 0.36
N TYR B 165 -1.61 -2.36 0.84
CA TYR B 165 -2.83 -2.53 1.62
C TYR B 165 -4.10 -2.31 0.79
N ASN B 166 -5.09 -3.16 1.01
CA ASN B 166 -6.44 -2.97 0.49
C ASN B 166 -6.52 -2.85 -1.03
N GLN B 167 -5.77 -3.69 -1.74
CA GLN B 167 -5.84 -3.74 -3.20
C GLN B 167 -6.71 -4.90 -3.68
N GLY B 168 -7.42 -5.54 -2.74
CA GLY B 168 -8.40 -6.54 -3.08
C GLY B 168 -7.85 -7.84 -3.63
N CYS B 169 -8.58 -8.43 -4.57
CA CYS B 169 -8.27 -9.75 -5.08
C CYS B 169 -7.26 -9.76 -6.23
N PHE B 170 -6.90 -8.58 -6.74
CA PHE B 170 -5.91 -8.50 -7.82
C PHE B 170 -4.52 -8.23 -7.27
N ALA B 171 -4.43 -8.07 -5.95
CA ALA B 171 -3.16 -7.71 -5.31
C ALA B 171 -2.08 -8.76 -5.56
N GLY B 172 -2.50 -10.00 -5.81
CA GLY B 172 -1.58 -11.08 -6.07
C GLY B 172 -0.73 -10.82 -7.31
N GLY B 173 -1.36 -10.24 -8.34
CA GLY B 173 -0.66 -9.93 -9.57
C GLY B 173 0.14 -8.65 -9.46
N THR B 174 -0.33 -7.73 -8.62
CA THR B 174 0.37 -6.48 -8.38
C THR B 174 1.69 -6.75 -7.66
N ALA B 175 1.62 -7.66 -6.69
CA ALA B 175 2.80 -8.04 -5.92
C ALA B 175 3.85 -8.67 -6.82
N LEU B 176 3.39 -9.37 -7.85
CA LEU B 176 4.29 -9.99 -8.82
C LEU B 176 4.93 -8.95 -9.73
N ARG B 177 4.20 -7.87 -10.00
CA ARG B 177 4.67 -6.84 -10.91
C ARG B 177 5.67 -5.90 -10.25
N VAL B 178 5.48 -5.61 -8.97
CA VAL B 178 6.41 -4.75 -8.25
C VAL B 178 7.72 -5.49 -8.04
N ALA B 179 7.63 -6.70 -7.48
CA ALA B 179 8.79 -7.52 -7.23
C ALA B 179 9.61 -7.75 -8.51
N LYS B 180 8.91 -7.79 -9.64
CA LYS B 180 9.54 -7.97 -10.94
C LYS B 180 10.51 -6.83 -11.26
N ASP B 181 10.08 -5.60 -11.01
CA ASP B 181 10.90 -4.44 -11.32
C ASP B 181 12.02 -4.22 -10.30
N LEU B 182 11.85 -4.73 -9.09
CA LEU B 182 12.88 -4.61 -8.06
C LEU B 182 14.03 -5.58 -8.34
N ALA B 183 13.68 -6.82 -8.69
CA ALA B 183 14.67 -7.86 -8.89
C ALA B 183 15.47 -7.66 -10.17
N GLU B 184 14.85 -7.01 -11.16
CA GLU B 184 15.48 -6.82 -12.47
C GLU B 184 16.29 -5.52 -12.55
N ASN B 185 16.07 -4.62 -11.59
CA ASN B 185 16.75 -3.33 -11.58
C ASN B 185 17.85 -3.26 -10.51
N ASN B 186 18.00 -4.34 -9.75
CA ASN B 186 18.99 -4.40 -8.67
C ASN B 186 19.82 -5.69 -8.72
N GLU B 187 21.08 -5.55 -9.06
CA GLU B 187 22.01 -6.67 -9.17
C GLU B 187 22.02 -7.53 -7.90
N GLY B 188 21.76 -8.82 -8.07
CA GLY B 188 21.87 -9.78 -6.99
C GLY B 188 20.69 -9.75 -6.01
N ALA B 189 19.80 -8.80 -6.20
CA ALA B 189 18.67 -8.63 -5.30
C ALA B 189 17.78 -9.88 -5.31
N ARG B 190 17.28 -10.22 -4.13
CA ARG B 190 16.35 -11.34 -3.98
C ARG B 190 15.14 -10.87 -3.18
N VAL B 191 13.95 -11.06 -3.75
CA VAL B 191 12.72 -10.50 -3.21
C VAL B 191 11.82 -11.58 -2.62
N LEU B 192 11.32 -11.32 -1.42
CA LEU B 192 10.39 -12.23 -0.75
C LEU B 192 8.97 -11.69 -0.84
N VAL B 193 8.14 -12.40 -1.59
CA VAL B 193 6.73 -12.04 -1.74
C VAL B 193 5.89 -12.80 -0.74
N VAL B 194 4.91 -12.13 -0.14
CA VAL B 194 3.99 -12.76 0.81
C VAL B 194 2.57 -12.21 0.64
N CYS B 195 1.61 -13.12 0.55
CA CYS B 195 0.19 -12.77 0.49
C CYS B 195 -0.53 -13.52 1.59
N ALA B 196 -1.46 -12.85 2.27
CA ALA B 196 -2.19 -13.47 3.38
C ALA B 196 -3.49 -12.75 3.68
N GLU B 197 -4.54 -13.53 3.97
CA GLU B 197 -5.86 -12.96 4.25
C GLU B 197 -6.53 -13.68 5.42
N ASN B 198 -7.40 -12.96 6.11
CA ASN B 198 -8.10 -13.46 7.30
C ASN B 198 -9.54 -12.94 7.32
N THR B 199 -10.50 -13.85 7.50
CA THR B 199 -11.92 -13.50 7.34
C THR B 199 -12.48 -12.64 8.47
N ALA B 200 -11.66 -12.34 9.47
CA ALA B 200 -12.11 -11.52 10.60
C ALA B 200 -12.36 -10.07 10.18
N MET B 201 -12.01 -9.73 8.94
CA MET B 201 -12.23 -8.39 8.41
C MET B 201 -13.54 -8.30 7.64
N THR B 202 -13.94 -9.40 7.00
CA THR B 202 -15.09 -9.42 6.10
C THR B 202 -16.29 -10.21 6.65
N PHE B 203 -16.20 -10.66 7.89
CA PHE B 203 -17.26 -11.45 8.50
C PHE B 203 -18.42 -10.56 8.94
N HIS B 204 -19.63 -10.95 8.56
CA HIS B 204 -20.84 -10.21 8.95
C HIS B 204 -21.99 -11.17 9.22
N ALA B 205 -22.85 -10.79 10.16
CA ALA B 205 -24.05 -11.55 10.45
C ALA B 205 -25.07 -11.35 9.32
N PRO B 206 -25.98 -12.32 9.12
CA PRO B 206 -26.92 -12.24 8.00
C PRO B 206 -27.96 -11.13 8.16
N ASN B 207 -28.32 -10.50 7.04
CA ASN B 207 -29.28 -9.40 7.03
C ASN B 207 -30.17 -9.46 5.80
N GLU B 208 -31.45 -9.17 5.98
CA GLU B 208 -32.44 -9.27 4.91
C GLU B 208 -32.18 -8.27 3.78
N SER B 209 -31.73 -7.07 4.14
CA SER B 209 -31.54 -5.99 3.17
C SER B 209 -30.25 -6.18 2.37
N HIS B 210 -29.15 -6.40 3.07
CA HIS B 210 -27.84 -6.52 2.44
C HIS B 210 -27.56 -7.98 2.04
N LEU B 211 -27.98 -8.34 0.82
CA LEU B 211 -27.84 -9.72 0.35
C LEU B 211 -26.53 -9.95 -0.38
N ASP B 212 -25.68 -8.94 -0.43
CA ASP B 212 -24.33 -9.10 -0.96
C ASP B 212 -23.45 -9.79 0.08
N VAL B 213 -23.84 -9.67 1.34
CA VAL B 213 -23.11 -10.29 2.44
C VAL B 213 -23.33 -11.81 2.45
N ILE B 214 -24.56 -12.21 2.19
CA ILE B 214 -24.93 -13.63 2.23
C ILE B 214 -24.12 -14.45 1.23
N VAL B 215 -23.89 -13.90 0.04
CA VAL B 215 -23.17 -14.61 -1.01
C VAL B 215 -21.66 -14.62 -0.75
N GLY B 216 -21.19 -13.68 0.06
CA GLY B 216 -19.78 -13.58 0.39
C GLY B 216 -19.35 -14.54 1.46
N GLN B 217 -20.26 -14.89 2.36
CA GLN B 217 -19.95 -15.79 3.47
C GLN B 217 -19.75 -17.23 3.02
N ALA B 218 -20.26 -17.56 1.84
CA ALA B 218 -20.13 -18.90 1.28
C ALA B 218 -18.85 -19.04 0.48
N MET B 219 -18.01 -18.00 0.50
CA MET B 219 -16.89 -17.89 -0.41
C MET B 219 -15.54 -17.69 0.30
N PHE B 220 -15.49 -16.72 1.21
CA PHE B 220 -14.23 -16.26 1.78
C PHE B 220 -13.57 -17.26 2.74
N SER B 221 -12.23 -17.30 2.70
CA SER B 221 -11.43 -18.21 3.50
C SER B 221 -10.22 -17.51 4.12
N ASP B 222 -9.40 -18.28 4.82
CA ASP B 222 -8.10 -17.83 5.32
C ASP B 222 -7.01 -18.60 4.59
N GLY B 223 -5.83 -17.99 4.50
CA GLY B 223 -4.69 -18.64 3.87
C GLY B 223 -3.54 -17.67 3.69
N ALA B 224 -2.41 -18.18 3.23
CA ALA B 224 -1.24 -17.35 2.98
C ALA B 224 -0.23 -18.09 2.11
N ALA B 225 0.42 -17.34 1.22
CA ALA B 225 1.41 -17.90 0.31
C ALA B 225 2.68 -17.06 0.31
N ALA B 226 3.78 -17.66 -0.13
CA ALA B 226 5.05 -16.97 -0.22
C ALA B 226 5.85 -17.39 -1.44
N LEU B 227 6.57 -16.44 -2.03
CA LEU B 227 7.43 -16.71 -3.18
C LEU B 227 8.80 -16.05 -3.01
N ILE B 228 9.79 -16.59 -3.72
CA ILE B 228 11.09 -15.95 -3.85
C ILE B 228 11.31 -15.53 -5.30
N ILE B 229 11.53 -14.25 -5.53
CA ILE B 229 11.76 -13.71 -6.86
C ILE B 229 13.19 -13.20 -6.99
N GLY B 230 13.83 -13.49 -8.11
CA GLY B 230 15.18 -13.04 -8.37
C GLY B 230 15.57 -13.23 -9.82
N ALA B 231 16.38 -12.33 -10.34
CA ALA B 231 16.85 -12.40 -11.71
C ALA B 231 18.13 -13.22 -11.81
N CYS B 232 18.32 -13.90 -12.93
CA CYS B 232 19.53 -14.69 -13.19
C CYS B 232 19.77 -15.71 -12.08
N PRO B 233 19.04 -16.84 -12.12
CA PRO B 233 19.23 -17.89 -11.12
C PRO B 233 20.68 -18.34 -11.06
N ASP B 234 21.19 -18.57 -9.85
CA ASP B 234 22.54 -19.07 -9.65
C ASP B 234 22.51 -20.57 -9.39
N VAL B 235 22.66 -21.35 -10.45
CA VAL B 235 22.67 -22.80 -10.36
C VAL B 235 23.79 -23.27 -9.42
N ALA B 236 24.94 -22.61 -9.51
CA ALA B 236 26.09 -22.96 -8.71
C ALA B 236 25.85 -22.73 -7.22
N SER B 237 24.90 -21.86 -6.91
CA SER B 237 24.54 -21.57 -5.52
C SER B 237 23.40 -22.46 -5.02
N GLY B 238 22.91 -23.33 -5.90
CA GLY B 238 21.86 -24.27 -5.53
C GLY B 238 20.45 -23.79 -5.85
N GLU B 239 20.35 -22.59 -6.40
CA GLU B 239 19.04 -22.03 -6.76
C GLU B 239 18.44 -22.75 -7.97
N ARG B 240 17.12 -22.92 -7.95
CA ARG B 240 16.39 -23.59 -9.02
C ARG B 240 15.21 -22.74 -9.46
N ALA B 241 14.98 -22.65 -10.76
CA ALA B 241 13.86 -21.89 -11.30
C ALA B 241 12.58 -22.72 -11.30
N VAL B 242 11.46 -22.03 -11.40
CA VAL B 242 10.15 -22.67 -11.41
C VAL B 242 9.30 -22.06 -12.53
N PHE B 243 9.21 -20.74 -12.53
CA PHE B 243 8.54 -20.00 -13.58
C PHE B 243 9.35 -18.76 -13.94
N ASN B 244 9.37 -18.42 -15.23
CA ASN B 244 9.99 -17.18 -15.69
C ASN B 244 8.92 -16.12 -15.96
N ILE B 245 9.16 -14.91 -15.47
CA ILE B 245 8.23 -13.80 -15.65
C ILE B 245 8.60 -13.01 -16.90
N LEU B 246 7.75 -13.09 -17.93
CA LEU B 246 8.02 -12.43 -19.19
C LEU B 246 7.50 -10.99 -19.21
N SER B 247 6.30 -10.79 -18.66
CA SER B 247 5.70 -9.45 -18.61
C SER B 247 4.56 -9.38 -17.59
N ALA B 248 4.14 -8.16 -17.28
CA ALA B 248 3.06 -7.93 -16.31
C ALA B 248 2.37 -6.61 -16.61
N SER B 249 1.04 -6.63 -16.61
CA SER B 249 0.24 -5.47 -16.98
C SER B 249 -0.91 -5.21 -16.01
N GLN B 250 -1.58 -4.08 -16.19
CA GLN B 250 -2.77 -3.74 -15.44
C GLN B 250 -3.70 -2.93 -16.32
N THR B 251 -5.01 -3.13 -16.16
CA THR B 251 -6.00 -2.51 -17.05
C THR B 251 -7.32 -2.24 -16.34
N ILE B 252 -7.90 -1.08 -16.60
CA ILE B 252 -9.25 -0.76 -16.14
C ILE B 252 -10.25 -1.17 -17.21
N VAL B 253 -11.36 -1.75 -16.79
CA VAL B 253 -12.39 -2.21 -17.72
C VAL B 253 -13.30 -1.04 -18.12
N PRO B 254 -13.46 -0.80 -19.43
CA PRO B 254 -14.32 0.31 -19.88
C PRO B 254 -15.78 0.21 -19.41
N GLY B 255 -16.28 1.30 -18.84
CA GLY B 255 -17.66 1.37 -18.42
C GLY B 255 -18.04 0.34 -17.37
N SER B 256 -17.29 0.32 -16.27
CA SER B 256 -17.56 -0.60 -15.16
C SER B 256 -17.52 0.13 -13.83
N ASP B 257 -17.76 1.44 -13.87
CA ASP B 257 -17.70 2.27 -12.68
C ASP B 257 -18.73 1.86 -11.63
N GLY B 258 -18.25 1.55 -10.43
CA GLY B 258 -19.12 1.23 -9.31
C GLY B 258 -19.54 -0.23 -9.24
N ALA B 259 -18.96 -1.06 -10.10
CA ALA B 259 -19.29 -2.48 -10.14
C ALA B 259 -18.96 -3.15 -8.81
N ILE B 260 -17.83 -2.77 -8.22
CA ILE B 260 -17.44 -3.25 -6.89
C ILE B 260 -16.91 -2.09 -6.05
N THR B 261 -17.56 -1.87 -4.91
CA THR B 261 -17.11 -0.88 -3.94
C THR B 261 -17.03 -1.51 -2.57
N ALA B 262 -16.06 -1.08 -1.77
CA ALA B 262 -15.89 -1.58 -0.42
C ALA B 262 -15.41 -0.47 0.51
N HIS B 263 -16.14 -0.29 1.61
CA HIS B 263 -15.82 0.75 2.58
C HIS B 263 -15.39 0.14 3.90
N PHE B 264 -14.41 0.78 4.54
CA PHE B 264 -13.90 0.33 5.83
C PHE B 264 -14.51 1.14 6.97
N TYR B 265 -15.76 0.82 7.30
CA TYR B 265 -16.51 1.53 8.34
C TYR B 265 -16.30 0.89 9.70
N GLU B 266 -17.06 1.37 10.69
CA GLU B 266 -16.91 0.90 12.07
C GLU B 266 -17.33 -0.55 12.24
N MET B 267 -18.14 -1.05 11.31
CA MET B 267 -18.61 -2.43 11.37
C MET B 267 -17.64 -3.39 10.69
N GLY B 268 -16.59 -2.85 10.08
CA GLY B 268 -15.63 -3.63 9.33
C GLY B 268 -15.69 -3.30 7.85
N MET B 269 -15.26 -4.24 7.01
CA MET B 269 -15.24 -4.03 5.57
C MET B 269 -16.62 -4.25 4.96
N SER B 270 -17.34 -3.15 4.73
CA SER B 270 -18.65 -3.20 4.10
C SER B 270 -18.52 -3.08 2.58
N TYR B 271 -18.87 -4.15 1.87
CA TYR B 271 -18.72 -4.20 0.42
C TYR B 271 -20.06 -4.29 -0.29
N PHE B 272 -20.09 -3.84 -1.54
CA PHE B 272 -21.29 -3.87 -2.37
C PHE B 272 -20.97 -4.35 -3.77
N LEU B 273 -21.69 -5.37 -4.22
CA LEU B 273 -21.51 -5.94 -5.55
C LEU B 273 -22.74 -5.72 -6.42
N LYS B 274 -22.60 -4.93 -7.48
CA LYS B 274 -23.68 -4.75 -8.43
C LYS B 274 -23.90 -6.03 -9.23
N GLU B 275 -25.01 -6.10 -9.96
CA GLU B 275 -25.48 -7.36 -10.53
C GLU B 275 -24.77 -7.75 -11.84
N ASP B 276 -24.00 -6.83 -12.42
CA ASP B 276 -23.42 -7.04 -13.74
C ASP B 276 -21.89 -7.17 -13.72
N VAL B 277 -21.34 -7.78 -12.68
CA VAL B 277 -19.90 -7.92 -12.57
C VAL B 277 -19.33 -8.91 -13.60
N ILE B 278 -19.95 -10.09 -13.70
CA ILE B 278 -19.43 -11.14 -14.58
C ILE B 278 -19.50 -10.75 -16.05
N PRO B 279 -20.65 -10.22 -16.52
CA PRO B 279 -20.73 -9.82 -17.94
C PRO B 279 -19.65 -8.83 -18.36
N LEU B 280 -19.15 -8.02 -17.43
CA LEU B 280 -18.13 -7.02 -17.73
C LEU B 280 -16.75 -7.66 -17.87
N PHE B 281 -16.37 -8.50 -16.92
CA PHE B 281 -15.11 -9.24 -17.02
C PHE B 281 -15.16 -10.19 -18.20
N ARG B 282 -16.33 -10.78 -18.43
CA ARG B 282 -16.51 -11.81 -19.44
C ARG B 282 -16.23 -11.29 -20.86
N ASP B 283 -16.76 -10.12 -21.18
CA ASP B 283 -16.71 -9.61 -22.54
C ASP B 283 -15.49 -8.73 -22.84
N ASN B 284 -14.74 -8.38 -21.79
CA ASN B 284 -13.61 -7.46 -21.93
C ASN B 284 -12.25 -8.13 -21.72
N ILE B 285 -12.24 -9.40 -21.35
CA ILE B 285 -10.98 -10.08 -21.05
C ILE B 285 -10.18 -10.40 -22.31
N ALA B 286 -10.89 -10.64 -23.42
CA ALA B 286 -10.26 -11.02 -24.67
C ALA B 286 -9.26 -9.97 -25.14
N ALA B 287 -9.59 -8.69 -24.96
CA ALA B 287 -8.71 -7.60 -25.38
C ALA B 287 -7.40 -7.62 -24.60
N VAL B 288 -7.47 -7.99 -23.33
CA VAL B 288 -6.28 -8.05 -22.47
C VAL B 288 -5.34 -9.15 -22.92
N MET B 289 -5.90 -10.31 -23.26
CA MET B 289 -5.12 -11.46 -23.67
C MET B 289 -4.42 -11.22 -25.02
N GLU B 290 -5.13 -10.58 -25.95
CA GLU B 290 -4.59 -10.27 -27.26
C GLU B 290 -3.39 -9.32 -27.15
N GLU B 291 -3.51 -8.34 -26.26
CA GLU B 291 -2.48 -7.32 -26.08
C GLU B 291 -1.23 -7.93 -25.42
N ALA B 292 -1.44 -8.91 -24.56
CA ALA B 292 -0.37 -9.52 -23.80
C ALA B 292 0.44 -10.53 -24.60
N PHE B 293 -0.27 -11.43 -25.30
CA PHE B 293 0.37 -12.57 -25.96
C PHE B 293 0.69 -12.34 -27.44
N SER B 294 0.30 -11.19 -27.97
CA SER B 294 0.55 -10.89 -29.38
C SER B 294 2.04 -10.90 -29.76
N PRO B 295 2.93 -10.33 -28.92
CA PRO B 295 4.34 -10.36 -29.32
C PRO B 295 4.97 -11.75 -29.26
N LEU B 296 4.27 -12.73 -28.68
CA LEU B 296 4.76 -14.11 -28.64
C LEU B 296 4.22 -14.93 -29.80
N GLY B 297 3.34 -14.36 -30.59
CA GLY B 297 2.73 -15.05 -31.71
C GLY B 297 1.74 -16.10 -31.25
N VAL B 298 1.00 -15.75 -30.20
CA VAL B 298 0.02 -16.67 -29.61
C VAL B 298 -1.40 -16.11 -29.73
N SER B 299 -2.33 -16.96 -30.15
CA SER B 299 -3.74 -16.58 -30.26
C SER B 299 -4.64 -17.71 -29.77
N ASP B 300 -4.15 -18.94 -29.83
CA ASP B 300 -4.91 -20.09 -29.35
C ASP B 300 -4.82 -20.19 -27.84
N TRP B 301 -5.96 -20.03 -27.17
CA TRP B 301 -5.97 -19.89 -25.72
C TRP B 301 -5.97 -21.23 -24.98
N ASN B 302 -6.06 -22.33 -25.71
CA ASN B 302 -6.00 -23.65 -25.10
C ASN B 302 -4.60 -24.25 -25.17
N SER B 303 -3.66 -23.49 -25.73
CA SER B 303 -2.26 -23.90 -25.79
C SER B 303 -1.49 -23.38 -24.58
N LEU B 304 -2.23 -22.86 -23.59
CA LEU B 304 -1.63 -22.23 -22.42
C LEU B 304 -2.10 -22.89 -21.13
N PHE B 305 -1.29 -22.80 -20.09
CA PHE B 305 -1.71 -23.17 -18.74
C PHE B 305 -2.13 -21.91 -18.01
N TYR B 306 -3.05 -22.05 -17.04
CA TYR B 306 -3.70 -20.90 -16.43
C TYR B 306 -3.65 -20.89 -14.91
N SER B 307 -3.78 -19.69 -14.36
CA SER B 307 -3.89 -19.49 -12.92
C SER B 307 -4.89 -18.35 -12.65
N ILE B 308 -6.15 -18.62 -12.95
CA ILE B 308 -7.20 -17.59 -12.84
C ILE B 308 -7.68 -17.47 -11.39
N HIS B 309 -7.89 -16.23 -10.95
CA HIS B 309 -8.40 -16.00 -9.61
C HIS B 309 -9.82 -16.55 -9.47
N PRO B 310 -10.01 -17.53 -8.57
CA PRO B 310 -11.34 -18.13 -8.41
C PRO B 310 -12.27 -17.30 -7.52
N GLY B 311 -12.93 -16.31 -8.12
CA GLY B 311 -13.93 -15.53 -7.40
C GLY B 311 -15.29 -16.22 -7.46
N GLY B 312 -15.29 -17.52 -7.15
CA GLY B 312 -16.49 -18.33 -7.27
C GLY B 312 -16.60 -18.97 -8.64
N ARG B 313 -17.59 -19.83 -8.81
CA ARG B 313 -17.80 -20.51 -10.09
C ARG B 313 -18.11 -19.54 -11.22
N GLY B 314 -18.93 -18.53 -10.90
CA GLY B 314 -19.38 -17.56 -11.89
C GLY B 314 -18.25 -16.97 -12.71
N ILE B 315 -17.24 -16.44 -12.02
CA ILE B 315 -16.09 -15.83 -12.68
C ILE B 315 -15.39 -16.82 -13.61
N ILE B 316 -15.06 -17.99 -13.08
CA ILE B 316 -14.27 -18.97 -13.83
C ILE B 316 -15.00 -19.42 -15.09
N ASP B 317 -16.28 -19.77 -14.95
CA ASP B 317 -17.07 -20.25 -16.08
C ASP B 317 -17.25 -19.16 -17.14
N GLY B 318 -17.36 -17.92 -16.71
CA GLY B 318 -17.58 -16.80 -17.61
C GLY B 318 -16.33 -16.44 -18.40
N VAL B 319 -15.18 -16.47 -17.74
CA VAL B 319 -13.91 -16.18 -18.38
C VAL B 319 -13.53 -17.27 -19.36
N ALA B 320 -13.75 -18.52 -18.96
CA ALA B 320 -13.39 -19.67 -19.79
C ALA B 320 -14.30 -19.79 -21.01
N GLY B 321 -15.56 -19.41 -20.85
CA GLY B 321 -16.54 -19.51 -21.92
C GLY B 321 -16.26 -18.57 -23.06
N ASN B 322 -15.68 -17.41 -22.74
CA ASN B 322 -15.37 -16.41 -23.75
C ASN B 322 -14.13 -16.78 -24.55
N LEU B 323 -13.04 -17.09 -23.84
CA LEU B 323 -11.78 -17.45 -24.46
C LEU B 323 -11.81 -18.88 -25.00
N GLY B 324 -12.82 -19.65 -24.61
CA GLY B 324 -12.98 -21.00 -25.09
C GLY B 324 -11.99 -21.97 -24.47
N ILE B 325 -11.72 -21.79 -23.20
CA ILE B 325 -10.80 -22.66 -22.47
C ILE B 325 -11.49 -23.96 -22.09
N LYS B 326 -10.81 -25.08 -22.29
CA LYS B 326 -11.37 -26.39 -22.00
C LYS B 326 -11.10 -26.79 -20.55
N ASP B 327 -11.87 -27.76 -20.05
CA ASP B 327 -11.80 -28.15 -18.65
C ASP B 327 -10.46 -28.78 -18.28
N GLU B 328 -9.69 -29.18 -19.28
CA GLU B 328 -8.37 -29.76 -19.02
C GLU B 328 -7.42 -28.75 -18.40
N ASN B 329 -7.57 -27.49 -18.80
CA ASN B 329 -6.64 -26.44 -18.39
C ASN B 329 -7.22 -25.55 -17.29
N LEU B 330 -8.21 -26.05 -16.57
CA LEU B 330 -8.81 -25.33 -15.44
C LEU B 330 -8.90 -26.22 -14.21
N VAL B 331 -8.18 -27.34 -14.23
CA VAL B 331 -8.20 -28.29 -13.14
C VAL B 331 -7.55 -27.70 -11.88
N ALA B 332 -6.41 -27.04 -12.07
CA ALA B 332 -5.66 -26.47 -10.97
C ALA B 332 -6.44 -25.35 -10.27
N THR B 333 -7.13 -24.54 -11.08
CA THR B 333 -7.89 -23.42 -10.55
C THR B 333 -9.05 -23.89 -9.66
N ARG B 334 -9.85 -24.80 -10.20
CA ARG B 334 -11.03 -25.30 -9.48
C ARG B 334 -10.65 -26.12 -8.26
N HIS B 335 -9.52 -26.82 -8.34
CA HIS B 335 -9.05 -27.64 -7.25
C HIS B 335 -8.76 -26.81 -6.01
N VAL B 336 -8.20 -25.62 -6.21
CA VAL B 336 -7.90 -24.71 -5.11
C VAL B 336 -9.19 -24.17 -4.52
N LEU B 337 -10.13 -23.78 -5.38
CA LEU B 337 -11.40 -23.24 -4.91
C LEU B 337 -12.20 -24.31 -4.16
N GLY B 338 -12.04 -25.57 -4.57
CA GLY B 338 -12.75 -26.66 -3.96
C GLY B 338 -12.19 -27.08 -2.61
N GLU B 339 -10.87 -26.97 -2.46
CA GLU B 339 -10.18 -27.45 -1.25
C GLU B 339 -9.85 -26.35 -0.24
N TYR B 340 -9.87 -25.09 -0.68
CA TYR B 340 -9.47 -23.98 0.17
C TYR B 340 -10.41 -22.79 0.12
N GLY B 341 -11.30 -22.75 -0.87
CA GLY B 341 -12.21 -21.63 -1.04
C GLY B 341 -11.48 -20.37 -1.50
N ASN B 342 -12.23 -19.27 -1.62
CA ASN B 342 -11.65 -18.02 -2.08
C ASN B 342 -10.85 -17.32 -0.97
N MET B 343 -9.53 -17.47 -1.02
CA MET B 343 -8.65 -16.91 0.00
C MET B 343 -8.20 -15.48 -0.30
N GLY B 344 -8.71 -14.92 -1.39
CA GLY B 344 -8.36 -13.56 -1.76
C GLY B 344 -7.12 -13.48 -2.63
N SER B 345 -6.12 -12.74 -2.17
CA SER B 345 -4.92 -12.48 -2.96
C SER B 345 -3.99 -13.69 -3.05
N ALA B 346 -4.21 -14.68 -2.20
CA ALA B 346 -3.31 -15.83 -2.11
C ALA B 346 -3.70 -16.96 -3.08
N CYS B 347 -4.89 -16.87 -3.65
CA CYS B 347 -5.41 -17.93 -4.51
C CYS B 347 -4.51 -18.20 -5.70
N VAL B 348 -4.09 -17.14 -6.39
CA VAL B 348 -3.26 -17.27 -7.57
C VAL B 348 -1.90 -17.89 -7.26
N MET B 349 -1.43 -17.72 -6.01
CA MET B 349 -0.16 -18.30 -5.61
C MET B 349 -0.33 -19.79 -5.32
N PHE B 350 -1.44 -20.15 -4.69
CA PHE B 350 -1.80 -21.54 -4.44
C PHE B 350 -1.85 -22.35 -5.74
N ILE B 351 -2.48 -21.79 -6.76
CA ILE B 351 -2.67 -22.48 -8.04
C ILE B 351 -1.33 -22.71 -8.74
N LEU B 352 -0.42 -21.74 -8.63
CA LEU B 352 0.91 -21.89 -9.20
C LEU B 352 1.62 -23.09 -8.59
N ASP B 353 1.40 -23.29 -7.30
CA ASP B 353 2.06 -24.35 -6.57
C ASP B 353 1.47 -25.72 -6.96
N GLU B 354 0.16 -25.75 -7.15
CA GLU B 354 -0.51 -26.98 -7.57
C GLU B 354 -0.12 -27.35 -9.00
N LEU B 355 0.13 -26.34 -9.82
CA LEU B 355 0.55 -26.56 -11.21
C LEU B 355 1.86 -27.33 -11.31
N ARG B 356 2.89 -26.85 -10.61
CA ARG B 356 4.21 -27.47 -10.68
C ARG B 356 4.25 -28.77 -9.89
N LYS B 357 3.53 -28.83 -8.78
CA LYS B 357 3.49 -30.04 -7.96
C LYS B 357 2.77 -31.15 -8.69
N SER B 358 1.63 -30.83 -9.29
CA SER B 358 0.87 -31.80 -10.08
C SER B 358 1.69 -32.27 -11.27
N SER B 359 2.47 -31.35 -11.85
CA SER B 359 3.25 -31.65 -13.05
C SER B 359 4.28 -32.74 -12.80
N LYS B 360 4.97 -32.68 -11.65
CA LYS B 360 5.99 -33.67 -11.33
C LYS B 360 5.38 -35.05 -11.13
N VAL B 361 4.22 -35.11 -10.49
CA VAL B 361 3.59 -36.38 -10.14
C VAL B 361 3.06 -37.11 -11.38
N ASN B 362 2.50 -36.34 -12.33
CA ASN B 362 1.92 -36.93 -13.53
C ASN B 362 2.96 -37.25 -14.62
N GLY B 363 4.19 -36.81 -14.41
CA GLY B 363 5.27 -37.10 -15.34
C GLY B 363 5.36 -36.14 -16.51
N LYS B 364 4.66 -35.01 -16.41
CA LYS B 364 4.70 -33.99 -17.44
C LYS B 364 6.10 -33.39 -17.56
N PRO B 365 6.52 -32.99 -18.77
CA PRO B 365 7.90 -32.54 -19.00
C PRO B 365 8.20 -31.11 -18.55
N THR B 366 7.18 -30.36 -18.15
CA THR B 366 7.36 -28.96 -17.75
C THR B 366 6.48 -28.61 -16.55
N THR B 367 6.84 -27.52 -15.87
CA THR B 367 6.10 -27.10 -14.68
C THR B 367 4.75 -26.49 -15.04
N GLY B 368 4.47 -26.36 -16.34
CA GLY B 368 3.22 -25.81 -16.82
C GLY B 368 2.32 -26.84 -17.47
N ASP B 369 2.14 -27.98 -16.81
CA ASP B 369 1.26 -29.03 -17.32
C ASP B 369 1.70 -29.51 -18.70
N GLY B 370 2.98 -29.35 -19.00
CA GLY B 370 3.54 -29.76 -20.29
C GLY B 370 3.62 -28.63 -21.29
N LYS B 371 2.93 -27.53 -21.00
CA LYS B 371 2.90 -26.38 -21.91
C LYS B 371 4.07 -25.44 -21.63
N GLU B 372 4.36 -24.54 -22.57
CA GLU B 372 5.47 -23.61 -22.41
C GLU B 372 5.05 -22.30 -21.76
N PHE B 373 4.04 -21.65 -22.34
CA PHE B 373 3.58 -20.35 -21.84
C PHE B 373 2.28 -20.48 -21.07
N GLY B 374 2.04 -19.54 -20.16
CA GLY B 374 0.84 -19.51 -19.36
C GLY B 374 0.51 -18.10 -18.90
N CYS B 375 -0.60 -17.95 -18.18
CA CYS B 375 -1.07 -16.64 -17.77
C CYS B 375 -1.72 -16.63 -16.40
N LEU B 376 -1.29 -15.67 -15.57
CA LEU B 376 -1.89 -15.45 -14.25
C LEU B 376 -2.82 -14.24 -14.33
N ILE B 377 -4.10 -14.48 -14.09
CA ILE B 377 -5.12 -13.43 -14.17
C ILE B 377 -5.62 -13.03 -12.79
N GLY B 378 -5.39 -11.77 -12.42
CA GLY B 378 -5.89 -11.21 -11.18
C GLY B 378 -7.01 -10.23 -11.44
N LEU B 379 -8.14 -10.45 -10.78
CA LEU B 379 -9.34 -9.62 -10.95
C LEU B 379 -9.68 -8.92 -9.64
N GLY B 380 -10.31 -7.75 -9.72
CA GLY B 380 -10.69 -7.02 -8.54
C GLY B 380 -11.48 -5.76 -8.85
N PRO B 381 -11.60 -4.86 -7.85
CA PRO B 381 -12.41 -3.64 -8.00
C PRO B 381 -11.78 -2.63 -8.93
N GLY B 382 -12.62 -1.82 -9.58
CA GLY B 382 -12.16 -0.87 -10.58
C GLY B 382 -13.18 -0.66 -11.69
N LEU B 383 -13.45 -1.70 -12.48
CA LEU B 383 -12.82 -3.01 -12.37
C LEU B 383 -11.37 -2.97 -12.82
N THR B 384 -10.60 -3.98 -12.43
CA THR B 384 -9.17 -4.05 -12.75
C THR B 384 -8.76 -5.48 -13.08
N VAL B 385 -7.85 -5.61 -14.05
CA VAL B 385 -7.37 -6.91 -14.50
C VAL B 385 -5.84 -6.95 -14.57
N GLU B 386 -5.24 -7.80 -13.73
CA GLU B 386 -3.80 -7.99 -13.72
C GLU B 386 -3.43 -9.24 -14.53
N ALA B 387 -2.73 -9.04 -15.64
CA ALA B 387 -2.25 -10.15 -16.45
C ALA B 387 -0.74 -10.30 -16.33
N VAL B 388 -0.27 -11.52 -16.07
CA VAL B 388 1.15 -11.79 -15.95
C VAL B 388 1.55 -13.00 -16.77
N VAL B 389 2.17 -12.76 -17.92
CA VAL B 389 2.61 -13.83 -18.80
C VAL B 389 3.75 -14.59 -18.12
N LEU B 390 3.62 -15.91 -18.07
CA LEU B 390 4.60 -16.77 -17.42
C LEU B 390 5.14 -17.81 -18.39
N GLN B 391 6.36 -18.27 -18.14
CA GLN B 391 6.97 -19.34 -18.91
C GLN B 391 7.39 -20.47 -17.97
N SER B 392 7.19 -21.70 -18.43
CA SER B 392 7.51 -22.88 -17.64
C SER B 392 8.97 -23.26 -17.75
N VAL B 393 9.42 -24.14 -16.87
CA VAL B 393 10.78 -24.67 -16.92
C VAL B 393 10.73 -26.19 -17.07
N PRO B 394 11.80 -26.79 -17.62
CA PRO B 394 11.80 -28.26 -17.76
C PRO B 394 11.89 -28.99 -16.43
N ILE B 395 11.09 -30.04 -16.26
CA ILE B 395 11.16 -30.88 -15.07
C ILE B 395 12.20 -31.98 -15.31
N LEU B 396 12.95 -32.30 -14.26
CA LEU B 396 14.01 -33.30 -14.34
C LEU B 396 13.67 -34.51 -13.48
#